data_9DQ9
#
_entry.id   9DQ9
#
_cell.length_a   80.528
_cell.length_b   90.348
_cell.length_c   167.361
_cell.angle_alpha   90.00
_cell.angle_beta   90.00
_cell.angle_gamma   90.00
#
_symmetry.space_group_name_H-M   'P 21 21 21'
#
loop_
_entity.id
_entity.type
_entity.pdbx_description
1 polymer 'L-lactate dehydrogenase'
2 non-polymer '[[(2~{R},3~{S},4~{R},5~{R})-5-(5-aminocarbonyl-2~{H}-pyridin-1-yl)-3,4-bis(oxidanyl)oxolan-2-yl]methoxy-oxidanyl-phosphoryl] [(2~{R},3~{S},4~{R},5~{R})-5-(6-aminopurin-9-yl)-3,4-bis(oxidanyl)oxolan-2-yl]methyl hydrogen phosphate'
3 non-polymer 'OXAMIC ACID'
4 non-polymer 'CALCIUM ION'
5 non-polymer NICOTINAMIDE-ADENINE-DINUCLEOTIDE
6 water water
#
_entity_poly.entity_id   1
_entity_poly.type   'polypeptide(L)'
_entity_poly.pdbx_seq_one_letter_code
;MLKSNKVVLIGAGGVGSSFAYALTIDNSLVHELVIIDVNENKAKGEVMDLNHGQMFLKKNINVLFGTYKDCANADIVVIT
AGLNQKPGETRLDLVDKNSKIFKDIITNVVSSGFDGIFVVASNPVDIMTYVTMKYSKFPIHKVIGTGTILDTSRLRYFLS
DHFNVNTQNIHSYIMGEHGDSSFATWDETKIAMKPLSEYLAEGKITELELDEIHKKVVNAAYEVIKLKGATYYAIGLGIK
NIVNAIIGDQNVILPISSYINGQYGGLIKDIYIGAPAIVCKEGVKEVLNFKISPKELDKFNSSANQLKSYIDKM
;
_entity_poly.pdbx_strand_id   P,A,B,C
#
# COMPACT_ATOMS: atom_id res chain seq x y z
N MET A 1 2.25 26.28 3.51
CA MET A 1 0.89 26.00 2.99
C MET A 1 0.88 24.77 2.09
N LEU A 2 -0.04 23.85 2.35
CA LEU A 2 -0.15 22.63 1.59
C LEU A 2 -0.78 22.91 0.23
N LYS A 3 -0.37 22.13 -0.77
CA LYS A 3 -0.71 22.37 -2.16
C LYS A 3 -1.51 21.20 -2.73
N SER A 4 -2.33 21.51 -3.73
CA SER A 4 -3.04 20.51 -4.51
C SER A 4 -2.24 20.19 -5.77
N ASN A 5 -1.82 18.93 -5.91
CA ASN A 5 -0.98 18.52 -7.02
C ASN A 5 -1.84 18.13 -8.21
N LYS A 6 -1.50 18.65 -9.38
CA LYS A 6 -2.34 18.52 -10.58
C LYS A 6 -1.54 17.91 -11.73
N VAL A 7 -2.09 16.84 -12.29
CA VAL A 7 -1.55 16.16 -13.45
C VAL A 7 -2.55 16.27 -14.58
N VAL A 8 -2.10 16.77 -15.73
CA VAL A 8 -2.94 16.87 -16.93
C VAL A 8 -2.49 15.78 -17.89
N LEU A 9 -3.41 14.88 -18.21
CA LEU A 9 -3.15 13.79 -19.15
C LEU A 9 -3.72 14.17 -20.51
N ILE A 10 -2.85 14.19 -21.53
CA ILE A 10 -3.24 14.49 -22.90
C ILE A 10 -3.10 13.20 -23.70
N GLY A 11 -4.23 12.65 -24.12
CA GLY A 11 -4.24 11.37 -24.83
C GLY A 11 -4.85 10.27 -23.98
N ALA A 12 -6.16 10.09 -24.10
CA ALA A 12 -6.91 9.14 -23.28
C ALA A 12 -7.09 7.80 -23.97
N GLY A 13 -6.06 7.32 -24.67
CA GLY A 13 -6.10 6.02 -25.31
C GLY A 13 -5.80 4.91 -24.33
N GLY A 14 -5.30 3.79 -24.87
CA GLY A 14 -4.96 2.67 -24.02
C GLY A 14 -3.90 3.02 -22.99
N VAL A 15 -2.82 3.66 -23.45
CA VAL A 15 -1.71 3.98 -22.56
C VAL A 15 -2.14 4.97 -21.49
N GLY A 16 -2.72 6.10 -21.90
CA GLY A 16 -3.12 7.11 -20.94
C GLY A 16 -4.16 6.59 -19.96
N SER A 17 -5.13 5.82 -20.45
CA SER A 17 -6.16 5.29 -19.59
C SER A 17 -5.59 4.29 -18.59
N SER A 18 -4.70 3.41 -19.05
CA SER A 18 -4.05 2.48 -18.14
C SER A 18 -3.26 3.22 -17.06
N PHE A 19 -2.52 4.25 -17.47
CA PHE A 19 -1.76 5.05 -16.51
C PHE A 19 -2.69 5.71 -15.49
N ALA A 20 -3.82 6.24 -15.95
CA ALA A 20 -4.76 6.90 -15.03
C ALA A 20 -5.36 5.91 -14.05
N TYR A 21 -5.78 4.75 -14.54
CA TYR A 21 -6.31 3.70 -13.67
C TYR A 21 -5.29 3.32 -12.60
N ALA A 22 -4.08 2.95 -13.04
CA ALA A 22 -3.03 2.57 -12.09
C ALA A 22 -2.77 3.68 -11.09
N LEU A 23 -2.71 4.93 -11.55
CA LEU A 23 -2.47 6.05 -10.65
C LEU A 23 -3.56 6.17 -9.59
N THR A 24 -4.82 6.04 -10.01
CA THR A 24 -5.90 6.08 -9.03
C THR A 24 -5.75 4.96 -8.01
N ILE A 25 -5.26 3.80 -8.43
CA ILE A 25 -5.09 2.70 -7.48
C ILE A 25 -3.90 2.95 -6.56
N ASP A 26 -2.74 3.26 -7.13
CA ASP A 26 -1.51 3.51 -6.36
C ASP A 26 -1.16 4.99 -6.53
N ASN A 27 -1.68 5.81 -5.61
CA ASN A 27 -1.61 7.26 -5.73
C ASN A 27 -0.65 7.82 -4.69
N SER A 28 0.47 8.38 -5.17
CA SER A 28 1.37 9.14 -4.31
C SER A 28 1.03 10.62 -4.39
N LEU A 29 -0.12 10.96 -3.79
CA LEU A 29 -0.59 12.34 -3.65
C LEU A 29 -0.67 13.02 -5.02
N VAL A 30 -1.70 12.63 -5.77
CA VAL A 30 -2.20 13.40 -6.90
C VAL A 30 -3.63 13.77 -6.55
N HIS A 31 -3.86 15.06 -6.30
CA HIS A 31 -5.18 15.50 -5.87
C HIS A 31 -6.13 15.71 -7.04
N GLU A 32 -5.59 16.09 -8.21
CA GLU A 32 -6.42 16.42 -9.37
C GLU A 32 -5.82 15.77 -10.60
N LEU A 33 -6.63 14.96 -11.30
CA LEU A 33 -6.24 14.38 -12.58
C LEU A 33 -7.18 14.93 -13.64
N VAL A 34 -6.62 15.61 -14.64
CA VAL A 34 -7.39 16.19 -15.74
C VAL A 34 -7.05 15.43 -17.00
N ILE A 35 -8.08 15.01 -17.74
CA ILE A 35 -7.93 14.15 -18.90
C ILE A 35 -8.36 14.93 -20.14
N ILE A 36 -7.46 15.05 -21.10
CA ILE A 36 -7.71 15.76 -22.34
C ILE A 36 -7.57 14.78 -23.50
N ASP A 37 -8.43 14.93 -24.51
CA ASP A 37 -8.35 14.12 -25.71
C ASP A 37 -9.13 14.82 -26.81
N VAL A 38 -8.58 14.79 -28.04
CA VAL A 38 -9.27 15.37 -29.18
C VAL A 38 -10.62 14.69 -29.41
N ASN A 39 -10.77 13.47 -28.88
CA ASN A 39 -12.05 12.73 -28.89
C ASN A 39 -12.69 12.97 -27.52
N GLU A 40 -13.50 14.02 -27.40
CA GLU A 40 -14.09 14.43 -26.11
C GLU A 40 -14.94 13.29 -25.53
N ASN A 41 -15.61 12.49 -26.36
CA ASN A 41 -16.45 11.41 -25.86
C ASN A 41 -15.63 10.39 -25.10
N LYS A 42 -14.47 10.02 -25.64
CA LYS A 42 -13.63 9.03 -24.98
C LYS A 42 -13.11 9.56 -23.64
N ALA A 43 -12.67 10.82 -23.61
CA ALA A 43 -12.20 11.40 -22.35
C ALA A 43 -13.30 11.39 -21.30
N LYS A 44 -14.51 11.81 -21.69
CA LYS A 44 -15.61 11.86 -20.73
C LYS A 44 -15.95 10.47 -20.22
N GLY A 45 -16.01 9.48 -21.12
CA GLY A 45 -16.31 8.13 -20.69
C GLY A 45 -15.26 7.59 -19.74
N GLU A 46 -13.98 7.83 -20.04
CA GLU A 46 -12.93 7.37 -19.15
C GLU A 46 -13.02 8.05 -17.79
N VAL A 47 -13.32 9.35 -17.77
CA VAL A 47 -13.47 10.06 -16.50
C VAL A 47 -14.58 9.43 -15.67
N MET A 48 -15.73 9.17 -16.29
CA MET A 48 -16.85 8.58 -15.57
C MET A 48 -16.48 7.21 -15.03
N ASP A 49 -15.87 6.37 -15.88
CA ASP A 49 -15.53 5.01 -15.45
C ASP A 49 -14.50 5.02 -14.33
N LEU A 50 -13.57 5.98 -14.35
CA LEU A 50 -12.57 6.06 -13.28
C LEU A 50 -13.20 6.56 -11.99
N ASN A 51 -14.16 7.48 -12.08
CA ASN A 51 -14.78 8.01 -10.87
C ASN A 51 -15.75 7.02 -10.24
N HIS A 52 -16.38 6.16 -11.04
CA HIS A 52 -17.34 5.22 -10.49
C HIS A 52 -16.70 4.16 -9.59
N GLY A 53 -15.37 4.14 -9.47
CA GLY A 53 -14.68 3.20 -8.60
C GLY A 53 -14.01 3.81 -7.40
N GLN A 54 -14.26 5.09 -7.09
CA GLN A 54 -13.62 5.73 -5.94
C GLN A 54 -13.80 4.92 -4.67
N MET A 55 -14.99 4.32 -4.50
CA MET A 55 -15.30 3.59 -3.27
C MET A 55 -14.25 2.53 -2.96
N PHE A 56 -13.62 1.96 -3.99
CA PHE A 56 -12.68 0.87 -3.81
C PHE A 56 -11.23 1.34 -3.68
N LEU A 57 -10.97 2.64 -3.80
CA LEU A 57 -9.62 3.16 -3.77
C LEU A 57 -9.15 3.41 -2.34
N LYS A 58 -7.84 3.36 -2.15
CA LYS A 58 -7.26 3.72 -0.86
C LYS A 58 -7.59 5.17 -0.51
N LYS A 59 -7.50 6.06 -1.49
CA LYS A 59 -7.74 7.48 -1.29
C LYS A 59 -8.62 8.01 -2.41
N ASN A 60 -9.55 8.90 -2.06
CA ASN A 60 -10.32 9.60 -3.06
C ASN A 60 -9.42 10.55 -3.85
N ILE A 61 -9.71 10.70 -5.14
CA ILE A 61 -8.95 11.58 -6.02
C ILE A 61 -9.92 12.26 -6.96
N ASN A 62 -9.67 13.54 -7.22
CA ASN A 62 -10.53 14.34 -8.10
C ASN A 62 -10.10 14.10 -9.55
N VAL A 63 -10.97 13.45 -10.33
CA VAL A 63 -10.72 13.15 -11.72
C VAL A 63 -11.66 14.01 -12.57
N LEU A 64 -11.11 14.66 -13.59
CA LEU A 64 -11.84 15.66 -14.35
C LEU A 64 -11.60 15.49 -15.84
N PHE A 65 -12.66 15.68 -16.62
CA PHE A 65 -12.50 16.00 -18.03
C PHE A 65 -12.20 17.48 -18.15
N GLY A 66 -11.17 17.83 -18.91
CA GLY A 66 -10.76 19.22 -18.99
C GLY A 66 -10.39 19.67 -20.38
N THR A 67 -9.78 20.84 -20.47
CA THR A 67 -9.31 21.40 -21.72
C THR A 67 -7.94 22.02 -21.48
N TYR A 68 -7.27 22.38 -22.58
CA TYR A 68 -5.91 22.91 -22.49
C TYR A 68 -5.81 24.04 -21.46
N LYS A 69 -6.90 24.78 -21.25
CA LYS A 69 -6.86 25.89 -20.31
C LYS A 69 -6.55 25.41 -18.90
N ASP A 70 -6.70 24.11 -18.63
CA ASP A 70 -6.41 23.55 -17.32
C ASP A 70 -4.92 23.33 -17.08
N CYS A 71 -4.11 23.37 -18.14
CA CYS A 71 -2.67 23.22 -17.97
C CYS A 71 -2.03 24.43 -17.31
N ALA A 72 -2.77 25.54 -17.17
CA ALA A 72 -2.19 26.78 -16.66
C ALA A 72 -1.50 26.56 -15.32
N ASN A 73 -2.22 26.01 -14.35
CA ASN A 73 -1.69 25.75 -13.02
C ASN A 73 -1.36 24.29 -12.80
N ALA A 74 -1.15 23.53 -13.87
CA ALA A 74 -0.84 22.11 -13.76
C ALA A 74 0.61 21.92 -13.34
N ASP A 75 0.85 20.89 -12.53
CA ASP A 75 2.19 20.58 -12.06
C ASP A 75 2.90 19.59 -12.97
N ILE A 76 2.18 18.63 -13.54
CA ILE A 76 2.78 17.72 -14.52
C ILE A 76 1.85 17.62 -15.73
N VAL A 77 2.45 17.45 -16.90
CA VAL A 77 1.71 17.24 -18.14
C VAL A 77 2.25 15.96 -18.78
N VAL A 78 1.40 14.93 -18.84
CA VAL A 78 1.76 13.63 -19.41
C VAL A 78 1.12 13.53 -20.79
N ILE A 79 1.94 13.33 -21.81
CA ILE A 79 1.47 13.29 -23.20
C ILE A 79 1.57 11.85 -23.70
N THR A 80 0.42 11.26 -24.04
CA THR A 80 0.36 9.91 -24.59
C THR A 80 -0.35 9.88 -25.94
N ALA A 81 -0.47 11.03 -26.61
CA ALA A 81 -1.26 11.11 -27.83
C ALA A 81 -0.40 10.81 -29.05
N GLY A 82 -1.06 10.34 -30.11
CA GLY A 82 -0.43 10.10 -31.38
C GLY A 82 -0.83 8.77 -31.95
N LEU A 83 -0.12 8.35 -33.00
CA LEU A 83 -0.34 7.06 -33.62
C LEU A 83 0.43 5.98 -32.89
N ASN A 84 -0.14 4.78 -32.82
CA ASN A 84 0.37 3.72 -31.95
C ASN A 84 0.94 2.52 -32.69
N GLN A 85 0.97 2.55 -34.03
CA GLN A 85 1.60 1.50 -34.82
C GLN A 85 0.79 0.20 -34.78
N LYS A 86 0.80 -0.55 -35.89
CA LYS A 86 -0.02 -1.75 -36.09
C LYS A 86 0.79 -2.78 -36.87
N PRO A 87 0.26 -3.97 -37.16
CA PRO A 87 1.07 -4.99 -37.84
C PRO A 87 1.83 -4.44 -39.02
N GLY A 88 3.07 -4.92 -39.20
CA GLY A 88 3.91 -4.45 -40.28
C GLY A 88 4.31 -3.00 -40.18
N GLU A 89 4.36 -2.47 -38.97
CA GLU A 89 4.78 -1.10 -38.72
C GLU A 89 5.96 -1.09 -37.77
N THR A 90 6.59 0.08 -37.64
CA THR A 90 7.71 0.26 -36.72
C THR A 90 7.46 1.51 -35.90
N ARG A 91 8.41 1.96 -35.07
CA ARG A 91 8.29 3.22 -34.30
C ARG A 91 8.93 4.36 -35.09
N LEU A 92 10.13 4.14 -35.65
CA LEU A 92 10.84 5.16 -36.46
C LEU A 92 10.16 5.20 -37.82
N ASP A 93 9.02 5.89 -37.92
CA ASP A 93 8.20 5.93 -39.16
C ASP A 93 7.00 6.86 -38.93
N LEU A 94 6.39 6.86 -37.75
CA LEU A 94 5.28 7.77 -37.40
C LEU A 94 5.88 9.10 -36.96
N VAL A 95 7.04 9.49 -37.49
CA VAL A 95 7.80 10.67 -36.97
C VAL A 95 7.20 12.00 -37.42
N ASP A 96 6.90 12.23 -38.69
CA ASP A 96 6.44 13.56 -39.13
C ASP A 96 5.03 13.83 -38.64
N LYS A 97 4.13 12.84 -38.75
CA LYS A 97 2.77 12.96 -38.24
C LYS A 97 2.78 13.32 -36.76
N ASN A 98 3.45 12.50 -35.95
CA ASN A 98 3.45 12.70 -34.51
C ASN A 98 4.11 14.01 -34.13
N SER A 99 5.13 14.45 -34.88
CA SER A 99 5.76 15.73 -34.59
C SER A 99 4.80 16.88 -34.86
N LYS A 100 3.96 16.76 -35.90
CA LYS A 100 2.94 17.78 -36.12
C LYS A 100 1.94 17.81 -34.97
N ILE A 101 1.45 16.63 -34.57
CA ILE A 101 0.55 16.52 -33.42
C ILE A 101 1.17 17.23 -32.22
N PHE A 102 2.45 16.96 -31.97
CA PHE A 102 3.11 17.53 -30.79
C PHE A 102 3.30 19.03 -30.93
N LYS A 103 3.57 19.52 -32.14
CA LYS A 103 3.58 20.96 -32.36
C LYS A 103 2.30 21.58 -31.83
N ASP A 104 1.16 21.05 -32.30
CA ASP A 104 -0.13 21.62 -31.86
C ASP A 104 -0.28 21.53 -30.34
N ILE A 105 -0.07 20.33 -29.79
CA ILE A 105 -0.30 20.12 -28.36
C ILE A 105 0.58 21.04 -27.52
N ILE A 106 1.88 21.07 -27.84
CA ILE A 106 2.83 21.88 -27.09
C ILE A 106 2.47 23.35 -27.17
N THR A 107 2.12 23.83 -28.37
CA THR A 107 1.75 25.23 -28.50
C THR A 107 0.60 25.56 -27.57
N ASN A 108 -0.46 24.74 -27.60
CA ASN A 108 -1.60 25.00 -26.72
C ASN A 108 -1.17 25.00 -25.26
N VAL A 109 -0.47 23.95 -24.83
CA VAL A 109 -0.09 23.81 -23.42
C VAL A 109 0.71 25.02 -22.96
N VAL A 110 1.80 25.32 -23.68
CA VAL A 110 2.64 26.45 -23.29
C VAL A 110 1.85 27.74 -23.30
N SER A 111 0.93 27.90 -24.26
CA SER A 111 0.13 29.10 -24.32
C SER A 111 -0.74 29.26 -23.08
N SER A 112 -1.19 28.15 -22.49
CA SER A 112 -2.02 28.24 -21.29
C SER A 112 -1.27 28.82 -20.09
N GLY A 113 0.04 28.99 -20.18
CA GLY A 113 0.83 29.45 -19.06
C GLY A 113 1.50 28.35 -18.26
N PHE A 114 1.41 27.10 -18.71
CA PHE A 114 2.02 25.98 -18.00
C PHE A 114 3.52 26.19 -17.87
N ASP A 115 4.07 25.78 -16.72
CA ASP A 115 5.52 25.88 -16.51
C ASP A 115 6.04 24.72 -15.66
N GLY A 116 5.36 23.58 -15.68
CA GLY A 116 5.77 22.43 -14.88
C GLY A 116 6.67 21.48 -15.63
N ILE A 117 6.39 20.18 -15.55
CA ILE A 117 7.25 19.15 -16.11
C ILE A 117 6.49 18.37 -17.17
N PHE A 118 7.11 18.20 -18.34
CA PHE A 118 6.58 17.36 -19.40
C PHE A 118 7.05 15.92 -19.19
N VAL A 119 6.13 14.98 -19.33
CA VAL A 119 6.44 13.55 -19.32
C VAL A 119 5.87 12.96 -20.61
N VAL A 120 6.75 12.52 -21.50
CA VAL A 120 6.39 12.16 -22.86
C VAL A 120 6.47 10.64 -23.01
N ALA A 121 5.38 10.05 -23.50
CA ALA A 121 5.32 8.62 -23.77
C ALA A 121 5.13 8.29 -25.25
N SER A 122 4.55 9.18 -26.03
CA SER A 122 4.26 8.89 -27.44
C SER A 122 5.54 8.49 -28.16
N ASN A 123 5.36 7.69 -29.29
CA ASN A 123 6.48 7.14 -30.05
C ASN A 123 6.71 7.92 -31.33
N PRO A 124 7.95 7.95 -31.85
CA PRO A 124 9.20 7.42 -31.25
C PRO A 124 9.63 8.29 -30.06
N VAL A 125 9.74 7.67 -28.88
CA VAL A 125 9.67 8.44 -27.64
C VAL A 125 10.87 9.38 -27.50
N ASP A 126 12.06 8.93 -27.86
CA ASP A 126 13.23 9.81 -27.76
C ASP A 126 13.08 11.03 -28.67
N ILE A 127 12.65 10.79 -29.91
CA ILE A 127 12.48 11.88 -30.87
C ILE A 127 11.37 12.82 -30.41
N MET A 128 10.27 12.27 -29.91
CA MET A 128 9.18 13.13 -29.43
C MET A 128 9.60 13.92 -28.20
N THR A 129 10.49 13.37 -27.38
CA THR A 129 11.01 14.12 -26.23
C THR A 129 11.85 15.29 -26.69
N TYR A 130 12.77 15.05 -27.63
CA TYR A 130 13.54 16.14 -28.23
C TYR A 130 12.61 17.19 -28.84
N VAL A 131 11.57 16.74 -29.53
CA VAL A 131 10.61 17.65 -30.15
C VAL A 131 9.92 18.50 -29.09
N THR A 132 9.46 17.86 -28.01
CA THR A 132 8.84 18.59 -26.91
C THR A 132 9.79 19.65 -26.37
N MET A 133 11.03 19.25 -26.10
CA MET A 133 12.00 20.19 -25.54
C MET A 133 12.16 21.41 -26.43
N LYS A 134 12.29 21.19 -27.75
CA LYS A 134 12.61 22.32 -28.61
C LYS A 134 11.38 23.16 -28.94
N TYR A 135 10.21 22.55 -29.10
CA TYR A 135 9.01 23.32 -29.35
C TYR A 135 8.62 24.13 -28.12
N SER A 136 8.81 23.57 -26.93
CA SER A 136 8.44 24.26 -25.70
C SER A 136 9.47 25.29 -25.25
N LYS A 137 10.72 25.13 -25.66
CA LYS A 137 11.83 25.97 -25.19
C LYS A 137 11.95 25.95 -23.67
N PHE A 138 11.43 24.90 -23.04
CA PHE A 138 11.59 24.71 -21.62
C PHE A 138 13.04 24.32 -21.30
N PRO A 139 13.45 24.44 -20.04
CA PRO A 139 14.73 23.85 -19.63
C PRO A 139 14.75 22.37 -19.92
N ILE A 140 15.93 21.85 -20.30
CA ILE A 140 16.01 20.44 -20.67
C ILE A 140 15.70 19.55 -19.48
N HIS A 141 15.95 20.04 -18.27
CA HIS A 141 15.70 19.22 -17.08
C HIS A 141 14.23 19.14 -16.71
N LYS A 142 13.35 19.84 -17.44
CA LYS A 142 11.91 19.76 -17.23
C LYS A 142 11.23 18.87 -18.27
N VAL A 143 12.00 18.21 -19.13
CA VAL A 143 11.45 17.38 -20.21
C VAL A 143 11.92 15.96 -19.97
N ILE A 144 10.99 15.07 -19.62
CA ILE A 144 11.28 13.67 -19.35
C ILE A 144 10.55 12.82 -20.37
N GLY A 145 11.28 11.92 -21.01
CA GLY A 145 10.66 10.89 -21.83
C GLY A 145 10.78 9.54 -21.15
N THR A 146 9.89 8.60 -21.47
CA THR A 146 9.93 7.30 -20.82
C THR A 146 11.13 6.46 -21.25
N GLY A 147 11.67 6.72 -22.43
CA GLY A 147 12.93 6.09 -22.82
C GLY A 147 12.84 4.58 -22.87
N THR A 148 13.79 3.92 -22.20
CA THR A 148 13.94 2.48 -22.23
C THR A 148 13.47 1.81 -20.93
N ILE A 149 12.54 2.46 -20.23
CA ILE A 149 12.08 1.89 -18.96
C ILE A 149 11.20 0.67 -19.20
N LEU A 150 10.40 0.69 -20.26
CA LEU A 150 9.59 -0.48 -20.60
C LEU A 150 10.47 -1.63 -21.09
N ASP A 151 11.44 -1.32 -21.96
CA ASP A 151 12.39 -2.35 -22.38
C ASP A 151 13.12 -2.94 -21.19
N THR A 152 13.54 -2.09 -20.25
CA THR A 152 14.24 -2.58 -19.07
C THR A 152 13.35 -3.46 -18.22
N SER A 153 12.08 -3.07 -18.06
CA SER A 153 11.15 -3.90 -17.31
C SER A 153 10.98 -5.27 -17.96
N ARG A 154 10.86 -5.30 -19.29
CA ARG A 154 10.74 -6.58 -19.99
C ARG A 154 11.98 -7.43 -19.80
N LEU A 155 13.16 -6.83 -19.99
CA LEU A 155 14.42 -7.54 -19.77
C LEU A 155 14.46 -8.14 -18.38
N ARG A 156 14.09 -7.35 -17.37
CA ARG A 156 14.18 -7.83 -16.00
C ARG A 156 13.16 -8.93 -15.73
N TYR A 157 11.99 -8.87 -16.36
CA TYR A 157 11.04 -9.98 -16.20
C TYR A 157 11.58 -11.26 -16.83
N PHE A 158 12.17 -11.15 -18.01
CA PHE A 158 12.72 -12.35 -18.66
C PHE A 158 13.85 -12.94 -17.81
N LEU A 159 14.73 -12.10 -17.30
CA LEU A 159 15.82 -12.60 -16.45
C LEU A 159 15.26 -13.19 -15.15
N SER A 160 14.25 -12.56 -14.57
CA SER A 160 13.62 -13.08 -13.36
C SER A 160 13.02 -14.46 -13.61
N ASP A 161 12.34 -14.63 -14.74
CA ASP A 161 11.76 -15.93 -15.06
C ASP A 161 12.85 -16.97 -15.31
N HIS A 162 13.93 -16.57 -15.97
CA HIS A 162 15.03 -17.51 -16.21
C HIS A 162 15.63 -18.00 -14.90
N PHE A 163 16.02 -17.07 -14.03
CA PHE A 163 16.69 -17.44 -12.78
C PHE A 163 15.72 -17.70 -11.63
N ASN A 164 14.41 -17.47 -11.84
CA ASN A 164 13.42 -17.63 -10.79
C ASN A 164 13.82 -16.82 -9.56
N VAL A 165 14.09 -15.53 -9.78
CA VAL A 165 14.47 -14.60 -8.72
C VAL A 165 13.63 -13.35 -8.87
N ASN A 166 13.26 -12.75 -7.75
CA ASN A 166 12.47 -11.53 -7.77
C ASN A 166 13.12 -10.47 -8.64
N THR A 167 12.28 -9.69 -9.34
CA THR A 167 12.80 -8.64 -10.21
C THR A 167 13.67 -7.64 -9.44
N GLN A 168 13.40 -7.47 -8.15
CA GLN A 168 14.16 -6.52 -7.35
C GLN A 168 15.65 -6.78 -7.42
N ASN A 169 16.05 -8.05 -7.50
CA ASN A 169 17.45 -8.43 -7.51
C ASN A 169 18.07 -8.40 -8.90
N ILE A 170 17.30 -8.09 -9.93
CA ILE A 170 17.78 -8.07 -11.30
C ILE A 170 18.28 -6.66 -11.60
N HIS A 171 19.59 -6.52 -11.78
CA HIS A 171 20.24 -5.23 -11.97
C HIS A 171 20.83 -5.21 -13.37
N SER A 172 20.05 -4.70 -14.32
CA SER A 172 20.43 -4.68 -15.73
C SER A 172 19.60 -3.61 -16.43
N TYR A 173 20.16 -3.06 -17.50
CA TYR A 173 19.53 -1.99 -18.24
C TYR A 173 19.43 -2.36 -19.72
N ILE A 174 18.37 -1.87 -20.35
CA ILE A 174 18.33 -1.66 -21.79
C ILE A 174 18.60 -0.18 -22.02
N MET A 175 19.50 0.14 -22.94
CA MET A 175 19.87 1.51 -23.22
C MET A 175 19.82 1.74 -24.73
N GLY A 176 20.01 2.99 -25.13
CA GLY A 176 19.87 3.36 -26.52
C GLY A 176 18.44 3.73 -26.87
N GLU A 177 18.18 3.76 -28.17
CA GLU A 177 16.85 4.10 -28.66
C GLU A 177 15.85 3.03 -28.25
N HIS A 178 14.70 3.46 -27.73
CA HIS A 178 13.59 2.56 -27.41
C HIS A 178 13.06 1.99 -28.72
N GLY A 179 13.50 0.78 -29.05
CA GLY A 179 13.13 0.15 -30.30
C GLY A 179 14.15 -0.88 -30.74
N ASP A 180 14.38 -0.96 -32.04
CA ASP A 180 15.17 -2.04 -32.63
C ASP A 180 16.66 -1.90 -32.35
N SER A 181 17.17 -0.67 -32.27
CA SER A 181 18.60 -0.44 -32.12
C SER A 181 19.08 -0.54 -30.67
N SER A 182 18.20 -0.90 -29.75
CA SER A 182 18.57 -0.94 -28.33
C SER A 182 19.54 -2.09 -28.05
N PHE A 183 20.11 -2.06 -26.85
CA PHE A 183 21.03 -3.10 -26.41
C PHE A 183 20.91 -3.25 -24.90
N ALA A 184 21.41 -4.38 -24.40
CA ALA A 184 21.41 -4.69 -22.97
C ALA A 184 22.82 -4.61 -22.42
N THR A 185 22.93 -4.18 -21.16
CA THR A 185 24.22 -4.02 -20.49
C THR A 185 24.69 -5.36 -19.90
N TRP A 186 24.80 -6.36 -20.78
CA TRP A 186 25.13 -7.71 -20.33
C TRP A 186 26.39 -7.72 -19.47
N ASP A 187 27.45 -7.04 -19.92
CA ASP A 187 28.72 -7.10 -19.22
C ASP A 187 28.69 -6.38 -17.88
N GLU A 188 27.63 -5.62 -17.59
CA GLU A 188 27.49 -4.93 -16.31
C GLU A 188 26.35 -5.49 -15.47
N THR A 189 25.74 -6.59 -15.90
CA THR A 189 24.55 -7.12 -15.24
C THR A 189 24.93 -7.97 -14.04
N LYS A 190 24.12 -7.88 -12.98
CA LYS A 190 24.33 -8.65 -11.76
C LYS A 190 22.99 -9.17 -11.25
N ILE A 191 23.02 -10.37 -10.66
CA ILE A 191 21.93 -10.90 -9.88
C ILE A 191 22.33 -10.73 -8.41
N ALA A 192 21.70 -9.77 -7.73
CA ALA A 192 22.14 -9.35 -6.40
C ALA A 192 23.58 -8.89 -6.55
N MET A 193 24.55 -9.52 -5.90
CA MET A 193 25.96 -9.17 -6.07
C MET A 193 26.71 -10.14 -6.97
N LYS A 194 26.02 -11.13 -7.54
CA LYS A 194 26.68 -12.15 -8.35
C LYS A 194 26.72 -11.71 -9.81
N PRO A 195 27.90 -11.52 -10.40
CA PRO A 195 27.96 -11.10 -11.80
C PRO A 195 27.35 -12.14 -12.74
N LEU A 196 26.75 -11.65 -13.83
CA LEU A 196 26.23 -12.54 -14.86
C LEU A 196 27.31 -13.42 -15.45
N SER A 197 28.56 -12.92 -15.49
CA SER A 197 29.66 -13.73 -16.01
C SER A 197 29.83 -15.01 -15.22
N GLU A 198 29.61 -14.96 -13.90
CA GLU A 198 29.74 -16.17 -13.09
C GLU A 198 28.63 -17.16 -13.43
N TYR A 199 27.41 -16.67 -13.65
CA TYR A 199 26.33 -17.54 -14.08
C TYR A 199 26.66 -18.20 -15.41
N LEU A 200 27.27 -17.45 -16.33
CA LEU A 200 27.69 -18.03 -17.60
C LEU A 200 28.74 -19.11 -17.38
N ALA A 201 29.75 -18.82 -16.58
CA ALA A 201 30.78 -19.81 -16.28
C ALA A 201 30.17 -21.08 -15.72
N GLU A 202 29.23 -20.96 -14.79
CA GLU A 202 28.57 -22.11 -14.18
C GLU A 202 27.62 -22.83 -15.11
N GLY A 203 27.43 -22.34 -16.34
CA GLY A 203 26.51 -22.98 -17.24
C GLY A 203 25.05 -22.88 -16.85
N LYS A 204 24.69 -21.88 -16.05
CA LYS A 204 23.30 -21.63 -15.73
C LYS A 204 22.64 -20.65 -16.70
N ILE A 205 23.41 -20.06 -17.60
CA ILE A 205 22.89 -19.28 -18.72
C ILE A 205 23.94 -19.32 -19.81
N THR A 206 23.51 -19.13 -21.06
CA THR A 206 24.38 -19.24 -22.22
C THR A 206 24.34 -17.94 -23.03
N GLU A 207 25.40 -17.72 -23.80
CA GLU A 207 25.45 -16.56 -24.68
C GLU A 207 24.25 -16.54 -25.62
N LEU A 208 23.96 -17.68 -26.23
CA LEU A 208 22.80 -17.79 -27.12
C LEU A 208 21.52 -17.42 -26.39
N GLU A 209 21.41 -17.78 -25.11
CA GLU A 209 20.20 -17.44 -24.36
C GLU A 209 20.12 -15.94 -24.07
N LEU A 210 21.25 -15.28 -23.88
CA LEU A 210 21.24 -13.83 -23.74
C LEU A 210 20.78 -13.17 -25.04
N ASP A 211 21.29 -13.62 -26.18
CA ASP A 211 20.82 -13.10 -27.46
C ASP A 211 19.33 -13.35 -27.63
N GLU A 212 18.85 -14.51 -27.19
CA GLU A 212 17.42 -14.80 -27.25
C GLU A 212 16.62 -13.81 -26.41
N ILE A 213 17.09 -13.54 -25.18
CA ILE A 213 16.38 -12.59 -24.32
C ILE A 213 16.33 -11.22 -24.97
N HIS A 214 17.43 -10.79 -25.59
CA HIS A 214 17.43 -9.47 -26.21
C HIS A 214 16.45 -9.42 -27.39
N LYS A 215 16.45 -10.46 -28.23
CA LYS A 215 15.50 -10.49 -29.34
C LYS A 215 14.07 -10.48 -28.83
N LYS A 216 13.80 -11.18 -27.72
CA LYS A 216 12.47 -11.15 -27.13
C LYS A 216 12.11 -9.74 -26.67
N VAL A 217 13.05 -9.04 -26.03
CA VAL A 217 12.80 -7.67 -25.60
C VAL A 217 12.44 -6.80 -26.81
N VAL A 218 13.20 -6.95 -27.90
CA VAL A 218 12.98 -6.08 -29.06
C VAL A 218 11.66 -6.41 -29.76
N ASN A 219 11.26 -7.68 -29.77
CA ASN A 219 10.06 -8.10 -30.48
C ASN A 219 8.82 -8.16 -29.61
N ALA A 220 8.93 -7.80 -28.32
CA ALA A 220 7.78 -7.83 -27.44
C ALA A 220 6.64 -6.95 -27.95
N ALA A 221 6.97 -5.74 -28.43
CA ALA A 221 5.93 -4.85 -28.91
C ALA A 221 5.15 -5.49 -30.05
N TYR A 222 5.86 -6.01 -31.06
CA TYR A 222 5.19 -6.62 -32.20
C TYR A 222 4.39 -7.84 -31.80
N GLU A 223 4.96 -8.68 -30.91
CA GLU A 223 4.23 -9.83 -30.41
C GLU A 223 2.90 -9.42 -29.78
N VAL A 224 2.96 -8.56 -28.77
CA VAL A 224 1.76 -8.22 -28.02
C VAL A 224 0.76 -7.48 -28.90
N ILE A 225 1.24 -6.71 -29.88
CA ILE A 225 0.31 -6.03 -30.78
C ILE A 225 -0.41 -7.05 -31.65
N LYS A 226 0.35 -8.00 -32.22
CA LYS A 226 -0.28 -9.08 -32.97
C LYS A 226 -1.34 -9.79 -32.13
N LEU A 227 -1.07 -9.95 -30.83
CA LEU A 227 -1.94 -10.79 -30.01
C LEU A 227 -3.18 -10.04 -29.50
N LYS A 228 -3.04 -8.76 -29.15
CA LYS A 228 -4.15 -8.06 -28.51
C LYS A 228 -4.29 -6.60 -28.95
N GLY A 229 -3.75 -6.23 -30.10
CA GLY A 229 -3.96 -4.91 -30.68
C GLY A 229 -2.95 -3.84 -30.29
N ALA A 230 -2.52 -3.83 -29.04
CA ALA A 230 -1.57 -2.83 -28.56
C ALA A 230 -1.14 -3.19 -27.15
N THR A 231 0.00 -2.64 -26.74
CA THR A 231 0.48 -2.75 -25.36
C THR A 231 0.11 -1.48 -24.61
N TYR A 232 -0.29 -1.63 -23.34
CA TYR A 232 -0.56 -0.43 -22.55
C TYR A 232 -0.43 -0.62 -21.04
N TYR A 233 -0.46 -1.85 -20.54
CA TYR A 233 -0.43 -2.04 -19.09
C TYR A 233 0.94 -1.74 -18.51
N ALA A 234 1.99 -2.38 -19.04
CA ALA A 234 3.33 -2.20 -18.50
C ALA A 234 3.77 -0.74 -18.59
N ILE A 235 3.54 -0.11 -19.75
CA ILE A 235 3.94 1.28 -19.93
C ILE A 235 3.12 2.19 -19.01
N GLY A 236 1.85 1.85 -18.80
CA GLY A 236 1.07 2.62 -17.83
C GLY A 236 1.67 2.57 -16.45
N LEU A 237 2.07 1.38 -16.01
CA LEU A 237 2.75 1.26 -14.71
C LEU A 237 4.02 2.10 -14.68
N GLY A 238 4.81 2.04 -15.75
CA GLY A 238 6.04 2.82 -15.79
C GLY A 238 5.80 4.32 -15.67
N ILE A 239 4.80 4.82 -16.40
CA ILE A 239 4.46 6.23 -16.30
C ILE A 239 4.01 6.59 -14.89
N LYS A 240 3.17 5.73 -14.30
CA LYS A 240 2.74 5.95 -12.93
C LYS A 240 3.94 6.06 -12.00
N ASN A 241 4.93 5.20 -12.17
CA ASN A 241 6.09 5.20 -11.29
C ASN A 241 6.92 6.46 -11.48
N ILE A 242 7.10 6.91 -12.73
CA ILE A 242 7.83 8.16 -12.95
C ILE A 242 7.10 9.32 -12.28
N VAL A 243 5.78 9.39 -12.45
CA VAL A 243 5.00 10.48 -11.88
C VAL A 243 5.14 10.48 -10.36
N ASN A 244 5.04 9.30 -9.75
CA ASN A 244 5.11 9.21 -8.29
C ASN A 244 6.52 9.54 -7.79
N ALA A 245 7.55 9.17 -8.55
CA ALA A 245 8.90 9.53 -8.15
C ALA A 245 9.09 11.04 -8.20
N ILE A 246 8.52 11.70 -9.21
CA ILE A 246 8.63 13.16 -9.28
C ILE A 246 7.90 13.79 -8.10
N ILE A 247 6.61 13.51 -7.96
CA ILE A 247 5.83 14.14 -6.90
C ILE A 247 6.40 13.81 -5.53
N GLY A 248 6.98 12.62 -5.37
CA GLY A 248 7.57 12.23 -4.10
C GLY A 248 8.97 12.72 -3.85
N ASP A 249 9.59 13.36 -4.85
CA ASP A 249 10.96 13.86 -4.72
C ASP A 249 11.90 12.75 -4.23
N GLN A 250 11.89 11.64 -4.99
CA GLN A 250 12.50 10.41 -4.54
C GLN A 250 13.95 10.25 -4.97
N ASN A 251 14.47 11.14 -5.82
CA ASN A 251 15.86 11.10 -6.25
C ASN A 251 16.27 9.69 -6.66
N VAL A 252 15.53 9.14 -7.62
CA VAL A 252 15.69 7.75 -8.03
C VAL A 252 16.28 7.69 -9.43
N ILE A 253 17.21 6.78 -9.64
CA ILE A 253 17.83 6.62 -10.95
C ILE A 253 16.95 5.73 -11.80
N LEU A 254 16.59 6.20 -12.99
CA LEU A 254 15.75 5.47 -13.92
C LEU A 254 16.32 5.58 -15.32
N PRO A 255 16.18 4.53 -16.13
CA PRO A 255 16.62 4.62 -17.53
C PRO A 255 15.58 5.30 -18.41
N ILE A 256 15.65 6.63 -18.50
CA ILE A 256 14.66 7.39 -19.22
C ILE A 256 15.28 8.01 -20.46
N SER A 257 14.48 8.72 -21.25
CA SER A 257 15.00 9.57 -22.31
C SER A 257 15.74 10.73 -21.67
N SER A 258 17.07 10.67 -21.70
CA SER A 258 17.94 11.65 -21.09
C SER A 258 18.72 12.40 -22.17
N TYR A 259 18.97 13.68 -21.90
CA TYR A 259 19.72 14.53 -22.81
C TYR A 259 21.21 14.32 -22.59
N ILE A 260 21.91 13.84 -23.62
CA ILE A 260 23.35 13.58 -23.51
C ILE A 260 24.10 14.62 -24.35
N ASN A 261 25.19 15.14 -23.79
CA ASN A 261 26.05 16.07 -24.52
C ASN A 261 27.50 15.93 -24.06
N GLY A 262 28.00 14.70 -24.08
CA GLY A 262 29.36 14.43 -23.66
C GLY A 262 29.51 13.07 -23.02
N GLN A 263 28.43 12.58 -22.42
CA GLN A 263 28.46 11.28 -21.77
C GLN A 263 28.74 10.18 -22.80
N TYR A 264 29.25 9.06 -22.30
CA TYR A 264 29.47 7.86 -23.11
C TYR A 264 30.32 8.16 -24.34
N GLY A 265 31.36 8.96 -24.15
CA GLY A 265 32.36 9.21 -25.16
C GLY A 265 32.15 10.46 -25.99
N GLY A 266 30.95 11.03 -25.98
CA GLY A 266 30.71 12.27 -26.68
C GLY A 266 30.75 12.19 -28.19
N LEU A 267 30.74 10.98 -28.77
CA LEU A 267 30.68 10.88 -30.22
C LEU A 267 29.40 11.55 -30.74
N ILE A 268 28.27 11.26 -30.11
CA ILE A 268 26.99 11.86 -30.44
C ILE A 268 26.59 12.78 -29.29
N LYS A 269 26.14 13.99 -29.64
CA LYS A 269 25.81 14.98 -28.62
C LYS A 269 24.49 15.66 -28.98
N ASP A 270 23.86 16.23 -27.96
CA ASP A 270 22.63 17.01 -28.09
C ASP A 270 21.52 16.18 -28.71
N ILE A 271 21.18 15.08 -28.04
CA ILE A 271 20.00 14.28 -28.34
C ILE A 271 19.47 13.69 -27.04
N TYR A 272 18.24 13.18 -27.12
CA TYR A 272 17.63 12.41 -26.04
C TYR A 272 17.76 10.93 -26.38
N ILE A 273 18.19 10.13 -25.41
CA ILE A 273 18.41 8.69 -25.62
C ILE A 273 18.13 7.95 -24.32
N GLY A 274 17.86 6.65 -24.43
CA GLY A 274 17.60 5.84 -23.26
C GLY A 274 18.85 5.65 -22.41
N ALA A 275 18.85 6.21 -21.21
CA ALA A 275 20.03 6.18 -20.35
C ALA A 275 19.61 6.50 -18.93
N PRO A 276 20.43 6.15 -17.94
CA PRO A 276 20.05 6.40 -16.54
C PRO A 276 20.20 7.87 -16.16
N ALA A 277 19.20 8.37 -15.44
CA ALA A 277 19.23 9.73 -14.90
C ALA A 277 18.47 9.75 -13.58
N ILE A 278 18.84 10.70 -12.73
CA ILE A 278 18.20 10.86 -11.42
C ILE A 278 16.95 11.72 -11.58
N VAL A 279 15.83 11.22 -11.06
CA VAL A 279 14.55 11.91 -11.12
C VAL A 279 14.20 12.41 -9.73
N CYS A 280 13.66 13.62 -9.68
CA CYS A 280 13.35 14.31 -8.43
C CYS A 280 12.19 15.27 -8.67
N LYS A 281 11.88 16.07 -7.64
CA LYS A 281 10.74 16.97 -7.69
C LYS A 281 10.86 17.98 -8.82
N GLU A 282 12.07 18.43 -9.13
CA GLU A 282 12.28 19.46 -10.15
C GLU A 282 12.41 18.89 -11.56
N GLY A 283 12.36 17.57 -11.70
CA GLY A 283 12.58 16.94 -13.00
C GLY A 283 13.79 16.05 -12.98
N VAL A 284 14.73 16.29 -13.89
CA VAL A 284 15.95 15.49 -14.00
C VAL A 284 17.05 16.18 -13.23
N LYS A 285 17.60 15.50 -12.23
CA LYS A 285 18.69 16.05 -11.43
C LYS A 285 20.02 15.88 -12.13
N GLU A 286 20.32 14.68 -12.60
CA GLU A 286 21.55 14.40 -13.32
C GLU A 286 21.30 13.35 -14.39
N VAL A 287 22.06 13.44 -15.48
CA VAL A 287 22.19 12.36 -16.44
C VAL A 287 23.54 11.71 -16.21
N LEU A 288 23.53 10.44 -15.81
CA LEU A 288 24.72 9.79 -15.30
C LEU A 288 25.64 9.36 -16.43
N ASN A 289 26.84 8.92 -16.04
CA ASN A 289 27.87 8.49 -16.99
C ASN A 289 28.64 7.35 -16.35
N PHE A 290 28.69 6.20 -17.03
CA PHE A 290 29.44 5.05 -16.55
C PHE A 290 30.03 4.32 -17.74
N LYS A 291 31.16 3.66 -17.52
CA LYS A 291 31.86 2.96 -18.57
C LYS A 291 31.14 1.65 -18.89
N ILE A 292 30.91 1.41 -20.18
CA ILE A 292 30.32 0.16 -20.65
C ILE A 292 31.34 -0.53 -21.55
N SER A 293 31.11 -1.83 -21.76
CA SER A 293 32.01 -2.64 -22.58
C SER A 293 32.19 -1.99 -23.94
N PRO A 294 33.33 -2.21 -24.61
CA PRO A 294 33.53 -1.58 -25.94
C PRO A 294 32.49 -1.99 -26.97
N LYS A 295 32.15 -3.27 -27.06
CA LYS A 295 31.10 -3.68 -27.97
C LYS A 295 29.79 -2.95 -27.65
N GLU A 296 29.47 -2.85 -26.36
CA GLU A 296 28.26 -2.14 -25.96
C GLU A 296 28.34 -0.66 -26.29
N LEU A 297 29.53 -0.06 -26.16
CA LEU A 297 29.67 1.35 -26.53
C LEU A 297 29.46 1.54 -28.02
N ASP A 298 29.96 0.60 -28.84
CA ASP A 298 29.72 0.67 -30.27
C ASP A 298 28.22 0.58 -30.57
N LYS A 299 27.53 -0.34 -29.91
CA LYS A 299 26.08 -0.44 -30.09
C LYS A 299 25.39 0.87 -29.71
N PHE A 300 25.78 1.45 -28.57
CA PHE A 300 25.19 2.69 -28.11
C PHE A 300 25.40 3.81 -29.12
N ASN A 301 26.61 3.92 -29.67
CA ASN A 301 26.90 4.98 -30.62
C ASN A 301 26.15 4.77 -31.94
N SER A 302 26.00 3.51 -32.36
CA SER A 302 25.19 3.24 -33.55
C SER A 302 23.75 3.71 -33.33
N SER A 303 23.17 3.36 -32.18
CA SER A 303 21.80 3.78 -31.88
C SER A 303 21.68 5.30 -31.88
N ALA A 304 22.60 5.98 -31.18
CA ALA A 304 22.56 7.43 -31.10
C ALA A 304 22.74 8.06 -32.47
N ASN A 305 23.54 7.45 -33.33
CA ASN A 305 23.72 8.00 -34.68
C ASN A 305 22.46 7.87 -35.50
N GLN A 306 21.75 6.74 -35.38
CA GLN A 306 20.45 6.62 -36.03
C GLN A 306 19.50 7.73 -35.58
N LEU A 307 19.39 7.92 -34.27
CA LEU A 307 18.53 8.97 -33.74
C LEU A 307 18.93 10.34 -34.31
N LYS A 308 20.20 10.70 -34.18
CA LYS A 308 20.66 12.00 -34.64
C LYS A 308 20.45 12.17 -36.13
N SER A 309 20.49 11.07 -36.90
CA SER A 309 20.18 11.15 -38.32
C SER A 309 18.74 11.57 -38.52
N TYR A 310 17.83 10.94 -37.78
CA TYR A 310 16.42 11.32 -37.93
C TYR A 310 16.19 12.77 -37.48
N ILE A 311 16.94 13.23 -36.49
CA ILE A 311 16.73 14.58 -35.95
C ILE A 311 17.35 15.63 -36.87
N ASP A 312 18.51 15.35 -37.45
CA ASP A 312 19.17 16.33 -38.33
C ASP A 312 18.32 16.60 -39.56
N LYS A 313 17.48 15.65 -39.95
CA LYS A 313 16.45 15.91 -40.96
C LYS A 313 15.49 16.91 -40.34
N MET A 314 15.71 18.20 -40.55
CA MET A 314 14.86 19.24 -39.95
C MET A 314 15.26 20.60 -40.53
N MET B 1 -8.62 -25.33 -1.06
CA MET B 1 -9.18 -24.50 0.05
C MET B 1 -8.14 -23.50 0.55
N LEU B 2 -8.60 -22.33 0.98
CA LEU B 2 -7.73 -21.28 1.46
C LEU B 2 -7.34 -21.53 2.92
N LYS B 3 -6.28 -20.85 3.36
CA LYS B 3 -5.66 -21.12 4.65
C LYS B 3 -5.55 -19.84 5.47
N SER B 4 -5.46 -20.03 6.78
CA SER B 4 -5.21 -18.95 7.73
C SER B 4 -3.74 -19.01 8.15
N ASN B 5 -2.95 -18.03 7.68
CA ASN B 5 -1.53 -17.99 7.97
C ASN B 5 -1.29 -17.50 9.39
N LYS B 6 -0.48 -18.24 10.14
CA LYS B 6 -0.26 -17.98 11.56
C LYS B 6 1.21 -17.74 11.87
N VAL B 7 1.47 -16.65 12.57
CA VAL B 7 2.80 -16.28 13.05
C VAL B 7 2.75 -16.17 14.56
N VAL B 8 3.68 -16.83 15.23
CA VAL B 8 3.81 -16.77 16.69
C VAL B 8 5.06 -15.97 17.02
N LEU B 9 4.89 -14.88 17.76
CA LEU B 9 5.99 -14.06 18.24
C LEU B 9 6.34 -14.48 19.66
N ILE B 10 7.62 -14.79 19.89
CA ILE B 10 8.12 -15.19 21.19
C ILE B 10 9.12 -14.13 21.62
N GLY B 11 8.72 -13.29 22.56
CA GLY B 11 9.52 -12.13 22.94
C GLY B 11 8.80 -10.84 22.59
N ALA B 12 8.02 -10.32 23.54
CA ALA B 12 7.23 -9.12 23.32
C ALA B 12 7.95 -7.87 23.82
N GLY B 13 9.26 -7.81 23.66
CA GLY B 13 10.03 -6.64 24.03
C GLY B 13 9.92 -5.54 23.01
N GLY B 14 10.98 -4.74 22.90
CA GLY B 14 10.98 -3.66 21.93
C GLY B 14 10.99 -4.17 20.50
N VAL B 15 11.90 -5.10 20.21
CA VAL B 15 12.02 -5.61 18.84
C VAL B 15 10.75 -6.33 18.42
N GLY B 16 10.27 -7.24 19.26
CA GLY B 16 9.07 -7.99 18.90
C GLY B 16 7.86 -7.10 18.71
N SER B 17 7.69 -6.12 19.60
CA SER B 17 6.53 -5.23 19.48
C SER B 17 6.63 -4.34 18.25
N SER B 18 7.84 -3.84 17.95
CA SER B 18 8.02 -3.06 16.73
C SER B 18 7.68 -3.90 15.51
N PHE B 19 8.13 -5.16 15.48
CA PHE B 19 7.81 -6.03 14.35
C PHE B 19 6.30 -6.25 14.23
N ALA B 20 5.63 -6.50 15.36
CA ALA B 20 4.20 -6.76 15.32
C ALA B 20 3.44 -5.53 14.82
N TYR B 21 3.79 -4.35 15.33
CA TYR B 21 3.18 -3.09 14.88
C TYR B 21 3.36 -2.91 13.39
N ALA B 22 4.62 -2.94 12.93
CA ALA B 22 4.90 -2.77 11.51
C ALA B 22 4.11 -3.78 10.66
N LEU B 23 4.01 -5.03 11.14
CA LEU B 23 3.30 -6.04 10.37
C LEU B 23 1.82 -5.73 10.30
N THR B 24 1.22 -5.31 11.42
CA THR B 24 -0.19 -4.93 11.38
C THR B 24 -0.43 -3.78 10.42
N ILE B 25 0.57 -2.90 10.24
CA ILE B 25 0.42 -1.80 9.30
C ILE B 25 0.62 -2.27 7.87
N ASP B 26 1.71 -2.96 7.60
CA ASP B 26 2.07 -3.43 6.26
C ASP B 26 2.00 -4.96 6.29
N ASN B 27 0.83 -5.49 6.00
CA ASN B 27 0.51 -6.90 6.23
C ASN B 27 0.33 -7.60 4.88
N SER B 28 1.35 -8.37 4.48
CA SER B 28 1.20 -9.28 3.35
C SER B 28 0.48 -10.53 3.80
N LEU B 29 -0.65 -10.34 4.49
CA LEU B 29 -1.55 -11.40 4.93
C LEU B 29 -0.93 -12.34 5.96
N VAL B 30 -0.82 -11.86 7.18
CA VAL B 30 -0.84 -12.69 8.38
C VAL B 30 -2.26 -12.60 8.92
N HIS B 31 -3.02 -13.69 8.82
CA HIS B 31 -4.38 -13.66 9.34
C HIS B 31 -4.40 -13.69 10.86
N GLU B 32 -3.37 -14.26 11.48
CA GLU B 32 -3.35 -14.49 12.92
C GLU B 32 -1.94 -14.29 13.46
N LEU B 33 -1.83 -13.47 14.50
CA LEU B 33 -0.56 -13.18 15.15
C LEU B 33 -0.71 -13.46 16.64
N VAL B 34 0.10 -14.37 17.16
CA VAL B 34 0.08 -14.75 18.57
C VAL B 34 1.35 -14.23 19.23
N ILE B 35 1.19 -13.67 20.43
CA ILE B 35 2.29 -13.03 21.14
C ILE B 35 2.51 -13.77 22.45
N ILE B 36 3.73 -14.24 22.66
CA ILE B 36 4.11 -15.02 23.83
C ILE B 36 5.22 -14.28 24.55
N ASP B 37 5.11 -14.20 25.88
CA ASP B 37 6.19 -13.64 26.68
C ASP B 37 6.14 -14.23 28.08
N VAL B 38 7.32 -14.52 28.64
CA VAL B 38 7.41 -15.00 30.01
C VAL B 38 6.82 -13.96 30.96
N ASN B 39 6.98 -12.68 30.66
CA ASN B 39 6.26 -11.60 31.34
C ASN B 39 4.91 -11.48 30.64
N GLU B 40 3.92 -12.18 31.18
CA GLU B 40 2.64 -12.32 30.47
C GLU B 40 1.85 -11.02 30.49
N ASN B 41 2.03 -10.19 31.52
CA ASN B 41 1.36 -8.90 31.54
C ASN B 41 1.81 -8.04 30.37
N LYS B 42 3.11 -8.08 30.04
CA LYS B 42 3.62 -7.33 28.91
C LYS B 42 2.97 -7.78 27.60
N ALA B 43 2.87 -9.11 27.41
CA ALA B 43 2.25 -9.62 26.20
C ALA B 43 0.78 -9.22 26.11
N LYS B 44 0.06 -9.33 27.24
CA LYS B 44 -1.34 -8.90 27.27
C LYS B 44 -1.46 -7.44 26.86
N GLY B 45 -0.65 -6.58 27.46
CA GLY B 45 -0.72 -5.16 27.15
C GLY B 45 -0.43 -4.86 25.69
N GLU B 46 0.59 -5.53 25.14
CA GLU B 46 0.93 -5.31 23.73
C GLU B 46 -0.22 -5.77 22.83
N VAL B 47 -0.81 -6.92 23.14
CA VAL B 47 -1.94 -7.41 22.36
C VAL B 47 -3.07 -6.39 22.37
N MET B 48 -3.37 -5.84 23.54
CA MET B 48 -4.45 -4.87 23.65
C MET B 48 -4.15 -3.61 22.85
N ASP B 49 -2.94 -3.07 23.00
CA ASP B 49 -2.58 -1.84 22.29
C ASP B 49 -2.60 -2.06 20.79
N LEU B 50 -2.23 -3.26 20.32
CA LEU B 50 -2.25 -3.54 18.89
C LEU B 50 -3.68 -3.66 18.37
N ASN B 51 -4.56 -4.30 19.14
CA ASN B 51 -5.93 -4.47 18.67
C ASN B 51 -6.71 -3.15 18.70
N HIS B 52 -6.36 -2.25 19.61
CA HIS B 52 -7.14 -1.02 19.75
C HIS B 52 -7.07 -0.11 18.52
N GLY B 53 -6.11 -0.35 17.63
CA GLY B 53 -5.96 0.45 16.43
C GLY B 53 -6.46 -0.18 15.15
N GLN B 54 -7.27 -1.25 15.24
CA GLN B 54 -7.73 -1.93 14.03
C GLN B 54 -8.45 -1.00 13.07
N MET B 55 -9.13 0.02 13.60
CA MET B 55 -9.91 0.90 12.73
C MET B 55 -9.05 1.63 11.73
N PHE B 56 -7.78 1.87 12.06
CA PHE B 56 -6.88 2.64 11.21
C PHE B 56 -6.06 1.77 10.27
N LEU B 57 -6.30 0.47 10.26
CA LEU B 57 -5.52 -0.46 9.45
C LEU B 57 -6.21 -0.73 8.11
N LYS B 58 -5.40 -0.95 7.08
CA LYS B 58 -5.96 -1.34 5.78
C LYS B 58 -6.74 -2.66 5.90
N LYS B 59 -6.22 -3.60 6.68
CA LYS B 59 -6.82 -4.91 6.84
C LYS B 59 -6.91 -5.27 8.32
N ASN B 60 -8.01 -5.90 8.69
CA ASN B 60 -8.13 -6.42 10.05
C ASN B 60 -7.23 -7.65 10.22
N ILE B 61 -6.86 -7.90 11.47
CA ILE B 61 -5.96 -9.00 11.80
C ILE B 61 -6.22 -9.42 13.23
N ASN B 62 -6.22 -10.73 13.47
CA ASN B 62 -6.46 -11.28 14.80
C ASN B 62 -5.14 -11.34 15.56
N VAL B 63 -5.02 -10.54 16.60
CA VAL B 63 -3.85 -10.52 17.47
C VAL B 63 -4.26 -11.12 18.81
N LEU B 64 -3.53 -12.13 19.26
CA LEU B 64 -3.94 -12.94 20.40
C LEU B 64 -2.80 -13.08 21.40
N PHE B 65 -3.15 -13.03 22.68
CA PHE B 65 -2.26 -13.55 23.71
C PHE B 65 -2.29 -15.08 23.64
N GLY B 66 -1.11 -15.69 23.66
CA GLY B 66 -1.03 -17.14 23.61
C GLY B 66 0.10 -17.69 24.46
N THR B 67 0.34 -18.99 24.33
CA THR B 67 1.49 -19.64 24.94
C THR B 67 2.07 -20.60 23.90
N TYR B 68 3.05 -21.40 24.32
CA TYR B 68 3.66 -22.34 23.39
C TYR B 68 2.63 -23.30 22.79
N LYS B 69 1.49 -23.49 23.46
CA LYS B 69 0.42 -24.30 22.88
C LYS B 69 0.07 -23.85 21.47
N ASP B 70 0.15 -22.54 21.22
CA ASP B 70 -0.24 -22.00 19.91
C ASP B 70 0.75 -22.30 18.81
N CYS B 71 1.96 -22.76 19.14
CA CYS B 71 2.96 -23.00 18.10
C CYS B 71 2.66 -24.25 17.28
N ALA B 72 1.77 -25.13 17.76
CA ALA B 72 1.52 -26.40 17.08
C ALA B 72 1.17 -26.19 15.62
N ASN B 73 0.16 -25.37 15.34
CA ASN B 73 -0.29 -25.09 13.99
C ASN B 73 0.27 -23.77 13.46
N ALA B 74 1.39 -23.31 14.00
CA ALA B 74 1.98 -22.06 13.55
C ALA B 74 2.74 -22.27 12.25
N ASP B 75 2.57 -21.33 11.32
CA ASP B 75 3.31 -21.39 10.07
C ASP B 75 4.69 -20.78 10.22
N ILE B 76 4.81 -19.71 11.01
CA ILE B 76 6.11 -19.10 11.30
C ILE B 76 6.23 -18.84 12.79
N VAL B 77 7.43 -19.03 13.33
CA VAL B 77 7.74 -18.66 14.71
C VAL B 77 8.90 -17.67 14.67
N VAL B 78 8.63 -16.43 15.11
CA VAL B 78 9.64 -15.39 15.24
C VAL B 78 10.11 -15.37 16.68
N ILE B 79 11.41 -15.38 16.89
CA ILE B 79 12.00 -15.39 18.23
C ILE B 79 12.79 -14.10 18.41
N THR B 80 12.27 -13.19 19.23
CA THR B 80 12.98 -11.98 19.64
C THR B 80 13.31 -12.00 21.12
N ALA B 81 13.13 -13.13 21.79
CA ALA B 81 13.42 -13.21 23.21
C ALA B 81 14.93 -13.24 23.45
N GLY B 82 15.34 -12.73 24.60
CA GLY B 82 16.73 -12.76 24.99
C GLY B 82 17.08 -11.56 25.84
N LEU B 83 18.37 -11.25 25.87
CA LEU B 83 18.92 -10.18 26.68
C LEU B 83 19.46 -9.08 25.78
N ASN B 84 19.07 -7.85 26.06
CA ASN B 84 19.68 -6.71 25.38
C ASN B 84 21.16 -6.60 25.78
N GLN B 85 21.96 -6.02 24.89
CA GLN B 85 23.34 -5.70 25.25
C GLN B 85 23.36 -4.37 26.00
N LYS B 86 24.11 -4.33 27.08
CA LYS B 86 24.25 -3.12 27.87
C LYS B 86 25.46 -2.33 27.43
N PRO B 87 25.54 -1.06 27.80
CA PRO B 87 26.68 -0.23 27.36
C PRO B 87 28.01 -0.90 27.73
N GLY B 88 28.91 -0.96 26.75
CA GLY B 88 30.17 -1.65 26.93
C GLY B 88 30.12 -3.14 26.69
N GLU B 89 28.96 -3.70 26.40
CA GLU B 89 28.78 -5.13 26.18
C GLU B 89 28.62 -5.40 24.70
N THR B 90 29.45 -6.29 24.16
CA THR B 90 29.30 -6.72 22.78
C THR B 90 28.20 -7.76 22.69
N ARG B 91 27.77 -8.03 21.45
CA ARG B 91 26.76 -9.06 21.23
C ARG B 91 27.23 -10.41 21.75
N LEU B 92 28.49 -10.74 21.46
CA LEU B 92 29.00 -12.08 21.78
C LEU B 92 29.00 -12.32 23.29
N ASP B 93 29.10 -11.26 24.11
CA ASP B 93 29.07 -11.45 25.55
C ASP B 93 27.80 -12.14 26.00
N LEU B 94 26.74 -12.11 25.18
CA LEU B 94 25.48 -12.70 25.57
C LEU B 94 25.41 -14.20 25.29
N VAL B 95 26.33 -14.73 24.46
CA VAL B 95 26.26 -16.09 23.95
C VAL B 95 25.73 -17.06 25.00
N ASP B 96 26.44 -17.15 26.13
CA ASP B 96 26.05 -18.11 27.16
C ASP B 96 24.61 -17.89 27.62
N LYS B 97 24.34 -16.72 28.20
CA LYS B 97 23.05 -16.49 28.83
C LYS B 97 21.92 -16.84 27.86
N ASN B 98 21.91 -16.17 26.71
CA ASN B 98 20.81 -16.34 25.77
C ASN B 98 20.73 -17.78 25.28
N SER B 99 21.85 -18.46 25.09
CA SER B 99 21.84 -19.89 24.67
C SER B 99 20.91 -20.67 25.59
N LYS B 100 20.97 -20.44 26.89
CA LYS B 100 20.15 -21.16 27.88
C LYS B 100 18.68 -20.85 27.61
N ILE B 101 18.35 -19.58 27.40
CA ILE B 101 16.96 -19.22 27.09
C ILE B 101 16.48 -20.02 25.89
N PHE B 102 17.27 -20.03 24.82
CA PHE B 102 16.80 -20.70 23.61
C PHE B 102 16.55 -22.17 23.89
N LYS B 103 17.43 -22.80 24.68
CA LYS B 103 17.24 -24.21 25.00
C LYS B 103 15.83 -24.46 25.52
N ASP B 104 15.35 -23.60 26.42
CA ASP B 104 13.99 -23.73 26.91
C ASP B 104 13.01 -23.46 25.78
N ILE B 105 13.10 -22.27 25.15
CA ILE B 105 12.12 -21.89 24.14
C ILE B 105 12.01 -23.00 23.11
N ILE B 106 13.13 -23.31 22.45
CA ILE B 106 13.13 -24.30 21.38
C ILE B 106 12.57 -25.63 21.89
N THR B 107 12.84 -25.98 23.14
CA THR B 107 12.28 -27.21 23.69
C THR B 107 10.76 -27.15 23.62
N ASN B 108 10.17 -26.15 24.28
CA ASN B 108 8.71 -26.08 24.34
C ASN B 108 8.11 -26.06 22.93
N VAL B 109 8.62 -25.17 22.08
CA VAL B 109 8.11 -25.09 20.70
C VAL B 109 8.08 -26.47 20.08
N VAL B 110 9.21 -27.18 20.15
CA VAL B 110 9.32 -28.45 19.46
C VAL B 110 8.33 -29.45 20.03
N SER B 111 7.98 -29.32 21.31
CA SER B 111 7.07 -30.25 21.93
C SER B 111 5.63 -30.05 21.48
N SER B 112 5.29 -28.87 20.95
CA SER B 112 3.91 -28.59 20.59
C SER B 112 3.52 -29.15 19.23
N GLY B 113 4.47 -29.68 18.47
CA GLY B 113 4.20 -30.15 17.13
C GLY B 113 4.44 -29.11 16.05
N PHE B 114 5.04 -27.98 16.40
CA PHE B 114 5.41 -27.00 15.38
C PHE B 114 6.37 -27.63 14.39
N ASP B 115 6.10 -27.41 13.10
CA ASP B 115 7.00 -27.87 12.04
C ASP B 115 7.02 -26.86 10.91
N GLY B 116 7.02 -25.58 11.25
CA GLY B 116 7.08 -24.49 10.30
C GLY B 116 8.49 -23.94 10.16
N ILE B 117 8.59 -22.61 10.09
CA ILE B 117 9.85 -21.93 9.83
C ILE B 117 10.20 -21.05 11.04
N PHE B 118 11.45 -21.13 11.47
CA PHE B 118 11.98 -20.26 12.51
C PHE B 118 12.59 -19.02 11.89
N VAL B 119 12.28 -17.86 12.46
CA VAL B 119 12.96 -16.61 12.14
C VAL B 119 13.58 -16.09 13.43
N VAL B 120 14.90 -16.10 13.50
CA VAL B 120 15.63 -15.82 14.73
C VAL B 120 16.24 -14.42 14.63
N ALA B 121 15.94 -13.58 15.63
CA ALA B 121 16.52 -12.25 15.73
C ALA B 121 17.37 -12.05 16.97
N SER B 122 17.16 -12.82 18.03
CA SER B 122 17.90 -12.65 19.27
C SER B 122 19.40 -12.76 19.02
N ASN B 123 20.17 -11.96 19.76
CA ASN B 123 21.61 -11.88 19.57
C ASN B 123 22.34 -12.88 20.47
N PRO B 124 23.55 -13.29 20.09
CA PRO B 124 24.24 -13.02 18.81
C PRO B 124 23.58 -13.82 17.71
N VAL B 125 23.08 -13.14 16.67
CA VAL B 125 22.03 -13.71 15.83
C VAL B 125 22.52 -14.94 15.08
N ASP B 126 23.77 -14.94 14.62
CA ASP B 126 24.28 -16.08 13.86
C ASP B 126 24.40 -17.31 14.76
N ILE B 127 25.01 -17.15 15.94
CA ILE B 127 25.17 -18.27 16.86
C ILE B 127 23.81 -18.76 17.32
N MET B 128 22.86 -17.84 17.56
CA MET B 128 21.54 -18.26 17.99
C MET B 128 20.79 -18.99 16.88
N THR B 129 21.01 -18.61 15.62
CA THR B 129 20.46 -19.37 14.51
C THR B 129 21.01 -20.79 14.49
N TYR B 130 22.33 -20.92 14.66
CA TYR B 130 22.92 -22.26 14.72
C TYR B 130 22.35 -23.08 15.88
N VAL B 131 22.19 -22.45 17.04
CA VAL B 131 21.66 -23.15 18.21
C VAL B 131 20.23 -23.58 17.96
N THR B 132 19.42 -22.72 17.33
CA THR B 132 18.06 -23.10 16.99
C THR B 132 18.05 -24.31 16.07
N MET B 133 18.92 -24.31 15.06
CA MET B 133 18.99 -25.45 14.15
C MET B 133 19.38 -26.72 14.89
N LYS B 134 20.34 -26.63 15.82
CA LYS B 134 20.82 -27.84 16.48
C LYS B 134 19.80 -28.38 17.46
N TYR B 135 19.17 -27.52 18.27
CA TYR B 135 18.19 -28.00 19.23
C TYR B 135 16.94 -28.51 18.52
N SER B 136 16.42 -27.74 17.55
CA SER B 136 15.17 -28.13 16.90
C SER B 136 15.32 -29.38 16.04
N LYS B 137 16.54 -29.71 15.61
CA LYS B 137 16.77 -30.82 14.68
C LYS B 137 16.07 -30.60 13.35
N PHE B 138 15.74 -29.34 13.04
CA PHE B 138 15.03 -29.00 11.82
C PHE B 138 15.98 -29.05 10.63
N PRO B 139 15.43 -29.19 9.42
CA PRO B 139 16.26 -28.98 8.22
C PRO B 139 16.84 -27.57 8.21
N ILE B 140 18.01 -27.44 7.58
CA ILE B 140 18.72 -26.17 7.63
C ILE B 140 17.96 -25.08 6.88
N HIS B 141 17.16 -25.45 5.88
CA HIS B 141 16.43 -24.45 5.10
C HIS B 141 15.22 -23.91 5.83
N LYS B 142 14.85 -24.48 6.97
CA LYS B 142 13.70 -24.02 7.74
C LYS B 142 14.09 -23.11 8.90
N VAL B 143 15.36 -22.80 9.05
CA VAL B 143 15.85 -21.92 10.12
C VAL B 143 16.52 -20.72 9.47
N ILE B 144 15.96 -19.53 9.73
CA ILE B 144 16.46 -18.28 9.16
C ILE B 144 16.80 -17.34 10.30
N GLY B 145 17.92 -16.65 10.16
CA GLY B 145 18.26 -15.54 11.04
C GLY B 145 18.37 -14.27 10.24
N THR B 146 18.13 -13.14 10.90
CA THR B 146 18.19 -11.86 10.21
C THR B 146 19.61 -11.52 9.75
N GLY B 147 20.62 -12.13 10.38
CA GLY B 147 21.99 -11.96 9.89
C GLY B 147 22.38 -10.50 9.79
N THR B 148 22.85 -10.12 8.60
CA THR B 148 23.35 -8.77 8.33
C THR B 148 22.34 -7.91 7.58
N ILE B 149 21.05 -8.23 7.67
CA ILE B 149 20.05 -7.44 6.97
C ILE B 149 19.98 -6.03 7.57
N LEU B 150 20.14 -5.93 8.89
CA LEU B 150 20.09 -4.62 9.54
C LEU B 150 21.35 -3.81 9.24
N ASP B 151 22.51 -4.43 9.34
CA ASP B 151 23.76 -3.74 8.98
C ASP B 151 23.70 -3.27 7.54
N THR B 152 23.11 -4.08 6.65
CA THR B 152 23.01 -3.71 5.25
C THR B 152 22.06 -2.53 5.06
N SER B 153 20.92 -2.54 5.77
CA SER B 153 20.04 -1.37 5.74
C SER B 153 20.78 -0.12 6.17
N ARG B 154 21.59 -0.21 7.23
CA ARG B 154 22.34 0.95 7.71
C ARG B 154 23.34 1.43 6.67
N LEU B 155 24.09 0.50 6.08
CA LEU B 155 25.04 0.86 5.04
C LEU B 155 24.34 1.58 3.89
N ARG B 156 23.20 1.06 3.47
CA ARG B 156 22.49 1.65 2.34
C ARG B 156 21.95 3.02 2.69
N TYR B 157 21.52 3.24 3.94
CA TYR B 157 21.11 4.58 4.33
C TYR B 157 22.28 5.55 4.29
N PHE B 158 23.44 5.14 4.83
CA PHE B 158 24.58 6.04 4.86
C PHE B 158 25.03 6.40 3.44
N LEU B 159 25.05 5.42 2.54
CA LEU B 159 25.43 5.71 1.15
C LEU B 159 24.38 6.58 0.47
N SER B 160 23.09 6.33 0.76
CA SER B 160 22.03 7.13 0.17
C SER B 160 22.12 8.58 0.61
N ASP B 161 22.54 8.82 1.85
CA ASP B 161 22.71 10.18 2.33
C ASP B 161 23.98 10.82 1.77
N HIS B 162 25.04 10.03 1.57
CA HIS B 162 26.25 10.58 0.97
C HIS B 162 25.99 11.04 -0.46
N PHE B 163 25.38 10.19 -1.27
CA PHE B 163 25.20 10.50 -2.68
C PHE B 163 23.86 11.19 -2.99
N ASN B 164 22.98 11.33 -2.02
CA ASN B 164 21.65 11.89 -2.25
C ASN B 164 20.90 11.07 -3.30
N VAL B 165 20.90 9.75 -3.11
CA VAL B 165 20.28 8.82 -4.05
C VAL B 165 19.42 7.84 -3.27
N ASN B 166 18.26 7.51 -3.83
CA ASN B 166 17.35 6.57 -3.21
C ASN B 166 18.05 5.26 -2.85
N THR B 167 17.72 4.71 -1.69
CA THR B 167 18.29 3.43 -1.29
C THR B 167 18.00 2.35 -2.32
N GLN B 168 16.93 2.51 -3.09
CA GLN B 168 16.60 1.54 -4.13
C GLN B 168 17.79 1.26 -5.04
N ASN B 169 18.59 2.28 -5.33
CA ASN B 169 19.68 2.18 -6.29
C ASN B 169 21.03 1.89 -5.64
N ILE B 170 21.06 1.60 -4.35
CA ILE B 170 22.30 1.35 -3.62
C ILE B 170 22.46 -0.15 -3.50
N HIS B 171 23.42 -0.71 -4.25
CA HIS B 171 23.62 -2.16 -4.33
C HIS B 171 24.95 -2.50 -3.68
N SER B 172 24.89 -2.72 -2.36
CA SER B 172 26.04 -3.07 -1.55
C SER B 172 25.54 -3.90 -0.37
N TYR B 173 26.42 -4.77 0.14
CA TYR B 173 26.06 -5.67 1.21
C TYR B 173 27.04 -5.55 2.37
N ILE B 174 26.52 -5.79 3.58
CA ILE B 174 27.34 -6.15 4.73
C ILE B 174 27.27 -7.66 4.88
N MET B 175 28.42 -8.30 5.04
CA MET B 175 28.49 -9.75 5.13
C MET B 175 29.34 -10.14 6.33
N GLY B 176 29.27 -11.41 6.70
CA GLY B 176 29.96 -11.89 7.88
C GLY B 176 29.08 -11.79 9.12
N GLU B 177 29.75 -11.82 10.28
CA GLU B 177 29.04 -11.77 11.55
C GLU B 177 28.28 -10.45 11.69
N HIS B 178 27.07 -10.54 12.23
CA HIS B 178 26.31 -9.37 12.66
C HIS B 178 26.99 -8.85 13.93
N GLY B 179 28.09 -8.11 13.72
CA GLY B 179 28.91 -7.65 14.81
C GLY B 179 30.11 -6.84 14.36
N ASP B 180 31.18 -6.86 15.16
CA ASP B 180 32.35 -6.04 14.90
C ASP B 180 33.30 -6.64 13.86
N SER B 181 33.06 -7.88 13.44
CA SER B 181 33.89 -8.54 12.45
C SER B 181 33.26 -8.52 11.06
N SER B 182 32.19 -7.76 10.87
CA SER B 182 31.55 -7.64 9.57
C SER B 182 32.44 -6.85 8.61
N PHE B 183 32.09 -6.93 7.32
CA PHE B 183 32.76 -6.17 6.29
C PHE B 183 31.75 -5.78 5.21
N ALA B 184 32.11 -4.77 4.43
CA ALA B 184 31.29 -4.30 3.33
C ALA B 184 31.90 -4.73 2.00
N THR B 185 31.02 -5.00 1.03
CA THR B 185 31.44 -5.45 -0.30
C THR B 185 31.76 -4.25 -1.19
N TRP B 186 32.72 -3.43 -0.72
CA TRP B 186 33.07 -2.21 -1.42
C TRP B 186 33.45 -2.48 -2.87
N ASP B 187 34.24 -3.54 -3.11
CA ASP B 187 34.75 -3.79 -4.45
C ASP B 187 33.66 -4.24 -5.42
N GLU B 188 32.54 -4.75 -4.92
CA GLU B 188 31.43 -5.18 -5.75
C GLU B 188 30.27 -4.20 -5.74
N THR B 189 30.44 -3.03 -5.12
CA THR B 189 29.34 -2.10 -4.92
C THR B 189 29.09 -1.26 -6.17
N LYS B 190 27.82 -0.96 -6.41
CA LYS B 190 27.41 -0.15 -7.54
C LYS B 190 26.23 0.74 -7.14
N ILE B 191 26.19 1.93 -7.71
CA ILE B 191 25.04 2.83 -7.62
C ILE B 191 24.33 2.73 -8.96
N ALA B 192 23.20 2.01 -9.00
CA ALA B 192 22.54 1.66 -10.26
C ALA B 192 23.56 0.85 -11.06
N MET B 193 23.85 1.23 -12.31
CA MET B 193 24.84 0.51 -13.10
C MET B 193 26.26 1.00 -12.84
N LYS B 194 26.44 2.06 -12.05
CA LYS B 194 27.72 2.76 -11.96
C LYS B 194 28.55 2.21 -10.83
N PRO B 195 29.74 1.67 -11.08
CA PRO B 195 30.55 1.12 -9.98
C PRO B 195 31.03 2.20 -9.03
N LEU B 196 31.34 1.77 -7.81
CA LEU B 196 31.86 2.68 -6.80
C LEU B 196 33.26 3.15 -7.14
N SER B 197 34.04 2.33 -7.84
CA SER B 197 35.37 2.73 -8.25
C SER B 197 35.33 3.99 -9.11
N GLU B 198 34.25 4.18 -9.88
CA GLU B 198 34.15 5.37 -10.72
C GLU B 198 33.87 6.61 -9.88
N TYR B 199 33.09 6.47 -8.81
CA TYR B 199 32.89 7.58 -7.89
C TYR B 199 34.19 7.92 -7.17
N LEU B 200 34.94 6.90 -6.76
CA LEU B 200 36.25 7.14 -6.17
C LEU B 200 37.15 7.90 -7.14
N ALA B 201 37.24 7.42 -8.39
CA ALA B 201 38.06 8.08 -9.39
C ALA B 201 37.70 9.55 -9.52
N GLU B 202 36.41 9.84 -9.70
CA GLU B 202 35.95 11.21 -9.86
C GLU B 202 36.00 12.01 -8.57
N GLY B 203 36.46 11.42 -7.47
CA GLY B 203 36.55 12.13 -6.21
C GLY B 203 35.24 12.41 -5.53
N LYS B 204 34.13 11.81 -5.99
CA LYS B 204 32.85 11.99 -5.32
C LYS B 204 32.80 11.29 -3.97
N ILE B 205 33.79 10.44 -3.67
CA ILE B 205 33.90 9.80 -2.36
C ILE B 205 35.35 9.35 -2.21
N THR B 206 35.80 9.21 -0.98
CA THR B 206 37.16 8.83 -0.67
C THR B 206 37.20 7.47 0.03
N GLU B 207 38.34 6.79 -0.09
CA GLU B 207 38.52 5.53 0.62
C GLU B 207 38.28 5.71 2.12
N LEU B 208 38.80 6.80 2.68
CA LEU B 208 38.66 7.03 4.12
C LEU B 208 37.19 7.25 4.49
N GLU B 209 36.41 7.87 3.61
CA GLU B 209 34.98 8.02 3.89
C GLU B 209 34.26 6.68 3.84
N LEU B 210 34.74 5.75 3.00
CA LEU B 210 34.18 4.39 3.02
C LEU B 210 34.52 3.69 4.34
N ASP B 211 35.76 3.81 4.79
CA ASP B 211 36.12 3.24 6.09
C ASP B 211 35.27 3.84 7.20
N GLU B 212 35.04 5.15 7.14
CA GLU B 212 34.19 5.82 8.11
C GLU B 212 32.77 5.26 8.07
N ILE B 213 32.24 5.02 6.87
CA ILE B 213 30.88 4.49 6.76
C ILE B 213 30.82 3.10 7.37
N HIS B 214 31.83 2.27 7.12
CA HIS B 214 31.84 0.94 7.72
C HIS B 214 31.89 1.02 9.25
N LYS B 215 32.75 1.90 9.78
CA LYS B 215 32.82 2.05 11.24
C LYS B 215 31.49 2.53 11.80
N LYS B 216 30.82 3.45 11.10
CA LYS B 216 29.51 3.91 11.54
C LYS B 216 28.51 2.76 11.56
N VAL B 217 28.52 1.92 10.53
CA VAL B 217 27.63 0.77 10.50
C VAL B 217 27.90 -0.11 11.72
N VAL B 218 29.17 -0.37 12.01
CA VAL B 218 29.49 -1.29 13.10
C VAL B 218 29.08 -0.70 14.45
N ASN B 219 29.28 0.60 14.65
CA ASN B 219 29.03 1.24 15.94
C ASN B 219 27.62 1.82 16.06
N ALA B 220 26.78 1.65 15.05
CA ALA B 220 25.42 2.19 15.10
C ALA B 220 24.65 1.68 16.31
N ALA B 221 24.73 0.38 16.57
CA ALA B 221 23.97 -0.20 17.67
C ALA B 221 24.40 0.39 19.01
N TYR B 222 25.72 0.49 19.23
CA TYR B 222 26.20 1.06 20.48
C TYR B 222 25.78 2.51 20.62
N GLU B 223 25.86 3.28 19.54
CA GLU B 223 25.46 4.69 19.62
C GLU B 223 23.99 4.82 19.98
N VAL B 224 23.13 4.06 19.30
CA VAL B 224 21.70 4.17 19.56
C VAL B 224 21.36 3.66 20.96
N ILE B 225 22.07 2.65 21.45
CA ILE B 225 21.82 2.18 22.81
C ILE B 225 22.20 3.26 23.81
N LYS B 226 23.31 3.96 23.57
CA LYS B 226 23.67 5.06 24.45
C LYS B 226 22.60 6.15 24.43
N LEU B 227 22.03 6.42 23.25
CA LEU B 227 21.12 7.56 23.13
C LEU B 227 19.73 7.24 23.67
N LYS B 228 19.24 6.01 23.49
CA LYS B 228 17.88 5.70 23.92
C LYS B 228 17.72 4.29 24.50
N GLY B 229 18.82 3.56 24.70
CA GLY B 229 18.80 2.31 25.43
C GLY B 229 18.77 1.06 24.59
N ALA B 230 18.19 1.12 23.39
CA ALA B 230 18.06 -0.07 22.56
C ALA B 230 17.54 0.35 21.18
N THR B 231 17.71 -0.55 20.22
CA THR B 231 17.22 -0.37 18.86
C THR B 231 16.10 -1.37 18.60
N TYR B 232 15.07 -0.95 17.85
CA TYR B 232 13.98 -1.87 17.55
C TYR B 232 13.22 -1.54 16.27
N TYR B 233 13.25 -0.29 15.82
CA TYR B 233 12.45 0.09 14.66
C TYR B 233 12.98 -0.57 13.37
N ALA B 234 14.24 -0.30 13.05
CA ALA B 234 14.81 -0.83 11.81
C ALA B 234 14.72 -2.35 11.76
N ILE B 235 15.07 -3.02 12.86
CA ILE B 235 15.00 -4.48 12.87
C ILE B 235 13.55 -4.95 12.81
N GLY B 236 12.63 -4.19 13.39
CA GLY B 236 11.23 -4.51 13.21
C GLY B 236 10.85 -4.57 11.74
N LEU B 237 11.25 -3.54 10.98
CA LEU B 237 10.96 -3.55 9.55
C LEU B 237 11.66 -4.69 8.83
N GLY B 238 12.90 -4.98 9.22
CA GLY B 238 13.61 -6.08 8.58
C GLY B 238 12.91 -7.41 8.76
N ILE B 239 12.52 -7.72 10.00
CA ILE B 239 11.80 -8.96 10.27
C ILE B 239 10.48 -8.97 9.52
N LYS B 240 9.77 -7.84 9.52
CA LYS B 240 8.51 -7.76 8.80
C LYS B 240 8.69 -8.11 7.33
N ASN B 241 9.75 -7.59 6.71
CA ASN B 241 9.99 -7.85 5.29
C ASN B 241 10.35 -9.32 5.07
N ILE B 242 11.16 -9.90 5.96
CA ILE B 242 11.46 -11.33 5.86
C ILE B 242 10.15 -12.13 5.86
N VAL B 243 9.26 -11.80 6.81
CA VAL B 243 8.03 -12.57 6.97
C VAL B 243 7.15 -12.44 5.74
N ASN B 244 6.96 -11.21 5.26
CA ASN B 244 6.13 -11.00 4.08
C ASN B 244 6.75 -11.66 2.85
N ALA B 245 8.08 -11.72 2.78
CA ALA B 245 8.73 -12.37 1.65
C ALA B 245 8.53 -13.88 1.70
N ILE B 246 8.51 -14.46 2.90
CA ILE B 246 8.21 -15.89 3.02
C ILE B 246 6.76 -16.14 2.62
N ILE B 247 5.82 -15.50 3.32
CA ILE B 247 4.40 -15.75 3.05
C ILE B 247 4.08 -15.45 1.59
N GLY B 248 4.68 -14.39 1.04
CA GLY B 248 4.47 -14.03 -0.34
C GLY B 248 5.18 -14.89 -1.36
N ASP B 249 5.98 -15.86 -0.93
CA ASP B 249 6.73 -16.73 -1.82
C ASP B 249 7.42 -15.91 -2.90
N GLN B 250 8.16 -14.88 -2.47
CA GLN B 250 8.68 -13.88 -3.37
C GLN B 250 10.02 -14.25 -4.01
N ASN B 251 10.64 -15.34 -3.59
CA ASN B 251 11.91 -15.78 -4.17
C ASN B 251 12.92 -14.63 -4.22
N VAL B 252 13.13 -13.98 -3.08
CA VAL B 252 13.91 -12.75 -3.03
C VAL B 252 15.24 -13.03 -2.33
N ILE B 253 16.32 -12.48 -2.88
CA ILE B 253 17.64 -12.65 -2.31
C ILE B 253 17.83 -11.61 -1.20
N LEU B 254 18.24 -12.08 -0.03
CA LEU B 254 18.44 -11.22 1.12
C LEU B 254 19.70 -11.61 1.85
N PRO B 255 20.42 -10.65 2.46
CA PRO B 255 21.60 -10.99 3.26
C PRO B 255 21.20 -11.47 4.65
N ILE B 256 20.97 -12.77 4.79
CA ILE B 256 20.49 -13.34 6.04
C ILE B 256 21.57 -14.23 6.63
N SER B 257 21.31 -14.72 7.84
CA SER B 257 22.13 -15.78 8.43
C SER B 257 21.90 -17.04 7.61
N SER B 258 22.85 -17.37 6.74
CA SER B 258 22.76 -18.52 5.86
C SER B 258 23.77 -19.58 6.29
N TYR B 259 23.39 -20.84 6.11
CA TYR B 259 24.28 -21.97 6.38
C TYR B 259 25.23 -22.14 5.21
N ILE B 260 26.53 -22.12 5.50
CA ILE B 260 27.56 -22.29 4.47
C ILE B 260 28.30 -23.59 4.73
N ASN B 261 28.52 -24.37 3.66
CA ASN B 261 29.31 -25.60 3.72
C ASN B 261 29.96 -25.80 2.35
N GLY B 262 30.88 -24.89 2.01
CA GLY B 262 31.62 -24.99 0.76
C GLY B 262 31.72 -23.68 0.00
N GLN B 263 30.82 -22.75 0.29
CA GLN B 263 30.82 -21.48 -0.41
C GLN B 263 32.00 -20.61 0.04
N TYR B 264 32.38 -19.67 -0.82
CA TYR B 264 33.40 -18.67 -0.50
C TYR B 264 34.73 -19.34 -0.16
N GLY B 265 35.12 -20.32 -0.95
CA GLY B 265 36.38 -21.00 -0.79
C GLY B 265 36.33 -22.23 0.09
N GLY B 266 35.27 -22.42 0.87
CA GLY B 266 35.17 -23.59 1.71
C GLY B 266 36.21 -23.66 2.80
N LEU B 267 36.87 -22.56 3.12
CA LEU B 267 37.93 -22.60 4.13
C LEU B 267 37.35 -22.74 5.53
N ILE B 268 36.13 -22.27 5.76
CA ILE B 268 35.39 -22.50 7.00
C ILE B 268 34.00 -22.98 6.61
N LYS B 269 33.55 -24.08 7.22
CA LYS B 269 32.31 -24.70 6.82
C LYS B 269 31.46 -25.05 8.04
N ASP B 270 30.17 -25.26 7.78
CA ASP B 270 29.21 -25.77 8.77
C ASP B 270 28.93 -24.73 9.87
N ILE B 271 28.64 -23.49 9.44
CA ILE B 271 28.17 -22.45 10.33
C ILE B 271 27.08 -21.65 9.62
N TYR B 272 26.40 -20.80 10.39
CA TYR B 272 25.52 -19.77 9.88
C TYR B 272 26.27 -18.44 9.92
N ILE B 273 26.14 -17.65 8.84
CA ILE B 273 26.85 -16.38 8.75
C ILE B 273 26.09 -15.47 7.80
N GLY B 274 26.30 -14.16 7.93
CA GLY B 274 25.65 -13.20 7.07
C GLY B 274 26.05 -13.35 5.62
N ALA B 275 25.12 -13.73 4.76
CA ALA B 275 25.40 -13.96 3.35
C ALA B 275 24.09 -13.92 2.59
N PRO B 276 24.14 -13.70 1.28
CA PRO B 276 22.89 -13.66 0.49
C PRO B 276 22.30 -15.04 0.28
N ALA B 277 20.97 -15.11 0.31
CA ALA B 277 20.26 -16.36 0.07
C ALA B 277 18.85 -16.05 -0.42
N ILE B 278 18.30 -16.98 -1.20
CA ILE B 278 16.93 -16.83 -1.70
C ILE B 278 15.96 -17.25 -0.61
N VAL B 279 14.95 -16.42 -0.37
CA VAL B 279 13.87 -16.70 0.56
C VAL B 279 12.59 -16.91 -0.22
N CYS B 280 11.78 -17.86 0.22
CA CYS B 280 10.57 -18.27 -0.48
C CYS B 280 9.62 -18.93 0.53
N LYS B 281 8.60 -19.63 0.00
CA LYS B 281 7.47 -20.05 0.82
C LYS B 281 7.87 -21.03 1.91
N GLU B 282 8.88 -21.87 1.67
CA GLU B 282 9.28 -22.84 2.67
C GLU B 282 10.74 -22.65 3.06
N GLY B 283 11.10 -21.41 3.41
CA GLY B 283 12.42 -21.12 3.93
C GLY B 283 13.43 -20.73 2.88
N VAL B 284 14.63 -21.29 2.98
CA VAL B 284 15.75 -20.88 2.14
C VAL B 284 15.81 -21.79 0.92
N LYS B 285 15.70 -21.18 -0.27
CA LYS B 285 15.78 -21.94 -1.51
C LYS B 285 17.21 -22.23 -1.92
N GLU B 286 18.14 -21.37 -1.54
CA GLU B 286 19.54 -21.54 -1.94
C GLU B 286 20.43 -20.49 -1.28
N VAL B 287 21.59 -20.92 -0.78
CA VAL B 287 22.61 -20.02 -0.27
C VAL B 287 23.56 -19.71 -1.44
N LEU B 288 23.53 -18.47 -1.91
CA LEU B 288 24.27 -18.12 -3.10
C LEU B 288 25.78 -18.24 -2.87
N ASN B 289 26.53 -18.17 -3.97
CA ASN B 289 27.98 -18.16 -3.93
C ASN B 289 28.48 -17.30 -5.08
N PHE B 290 29.20 -16.23 -4.73
CA PHE B 290 29.84 -15.38 -5.74
C PHE B 290 31.24 -15.05 -5.27
N LYS B 291 32.06 -14.59 -6.21
CA LYS B 291 33.46 -14.31 -5.96
C LYS B 291 33.63 -12.88 -5.47
N ILE B 292 34.36 -12.72 -4.37
CA ILE B 292 34.65 -11.42 -3.78
C ILE B 292 36.15 -11.27 -3.63
N SER B 293 36.61 -10.02 -3.62
CA SER B 293 38.03 -9.69 -3.70
C SER B 293 38.86 -10.39 -2.62
N PRO B 294 40.16 -10.58 -2.85
CA PRO B 294 40.97 -11.30 -1.86
C PRO B 294 40.99 -10.68 -0.47
N LYS B 295 41.08 -9.35 -0.35
CA LYS B 295 41.06 -8.73 0.98
C LYS B 295 39.71 -8.97 1.65
N GLU B 296 38.62 -8.76 0.90
CA GLU B 296 37.30 -9.05 1.43
C GLU B 296 37.16 -10.52 1.81
N LEU B 297 37.84 -11.41 1.08
CA LEU B 297 37.78 -12.82 1.41
C LEU B 297 38.54 -13.13 2.69
N ASP B 298 39.69 -12.47 2.89
CA ASP B 298 40.40 -12.61 4.16
C ASP B 298 39.54 -12.14 5.32
N LYS B 299 38.83 -11.02 5.14
CA LYS B 299 37.93 -10.55 6.19
C LYS B 299 36.79 -11.54 6.44
N PHE B 300 36.20 -12.07 5.38
CA PHE B 300 35.13 -13.05 5.53
C PHE B 300 35.63 -14.28 6.28
N ASN B 301 36.85 -14.73 5.96
CA ASN B 301 37.39 -15.90 6.64
C ASN B 301 37.69 -15.61 8.11
N SER B 302 38.19 -14.41 8.40
CA SER B 302 38.38 -14.02 9.80
C SER B 302 37.07 -14.08 10.56
N SER B 303 36.01 -13.50 10.00
CA SER B 303 34.72 -13.49 10.67
C SER B 303 34.19 -14.91 10.86
N ALA B 304 34.27 -15.73 9.80
CA ALA B 304 33.78 -17.10 9.89
C ALA B 304 34.57 -17.91 10.91
N ASN B 305 35.87 -17.66 11.01
CA ASN B 305 36.69 -18.39 11.97
C ASN B 305 36.36 -17.97 13.39
N GLN B 306 36.08 -16.69 13.62
CA GLN B 306 35.58 -16.26 14.92
C GLN B 306 34.30 -17.01 15.27
N LEU B 307 33.32 -16.98 14.37
CA LEU B 307 32.05 -17.63 14.63
C LEU B 307 32.23 -19.12 14.90
N LYS B 308 33.13 -19.76 14.17
CA LYS B 308 33.36 -21.19 14.40
C LYS B 308 34.11 -21.43 15.70
N SER B 309 35.00 -20.51 16.09
CA SER B 309 35.61 -20.61 17.41
C SER B 309 34.54 -20.66 18.49
N TYR B 310 33.48 -19.88 18.32
CA TYR B 310 32.39 -19.95 19.29
C TYR B 310 31.58 -21.23 19.15
N ILE B 311 31.24 -21.62 17.92
CA ILE B 311 30.39 -22.80 17.74
C ILE B 311 31.10 -24.06 18.24
N ASP B 312 32.42 -24.11 18.11
CA ASP B 312 33.17 -25.29 18.52
C ASP B 312 33.14 -25.47 20.03
N LYS B 313 33.13 -24.38 20.79
CA LYS B 313 33.02 -24.49 22.24
C LYS B 313 31.75 -25.20 22.64
N MET B 314 30.73 -25.09 21.81
CA MET B 314 29.49 -25.79 22.00
C MET B 314 29.80 -27.14 21.40
N MET C 1 4.01 24.77 -9.07
CA MET C 1 5.19 23.88 -8.94
C MET C 1 5.16 23.10 -7.64
N LEU C 2 5.91 22.00 -7.59
CA LEU C 2 5.76 21.02 -6.53
C LEU C 2 6.53 21.44 -5.27
N LYS C 3 5.92 21.16 -4.12
CA LYS C 3 6.42 21.60 -2.82
C LYS C 3 6.83 20.40 -1.98
N SER C 4 7.75 20.64 -1.05
CA SER C 4 8.11 19.66 -0.03
C SER C 4 7.23 19.86 1.19
N ASN C 5 6.57 18.79 1.63
CA ASN C 5 5.67 18.84 2.77
C ASN C 5 6.44 18.50 4.05
N LYS C 6 6.32 19.36 5.06
CA LYS C 6 7.12 19.27 6.26
C LYS C 6 6.25 19.10 7.50
N VAL C 7 6.54 18.06 8.26
CA VAL C 7 5.89 17.76 9.53
C VAL C 7 6.93 17.85 10.63
N VAL C 8 6.64 18.62 11.66
CA VAL C 8 7.51 18.78 12.82
C VAL C 8 6.83 18.13 14.02
N LEU C 9 7.48 17.13 14.60
CA LEU C 9 6.97 16.43 15.77
C LEU C 9 7.70 16.95 17.00
N ILE C 10 6.94 17.48 17.96
CA ILE C 10 7.48 17.92 19.24
C ILE C 10 7.09 16.88 20.29
N GLY C 11 8.08 16.21 20.86
CA GLY C 11 7.83 15.15 21.81
C GLY C 11 8.16 13.79 21.23
N ALA C 12 9.34 13.28 21.54
CA ALA C 12 9.80 11.99 21.03
C ALA C 12 9.67 10.89 22.08
N GLY C 13 8.50 10.79 22.70
CA GLY C 13 8.20 9.72 23.62
C GLY C 13 7.64 8.51 22.92
N GLY C 14 6.82 7.75 23.64
CA GLY C 14 6.19 6.59 23.04
C GLY C 14 5.22 6.97 21.93
N VAL C 15 4.37 7.96 22.20
CA VAL C 15 3.32 8.33 21.25
C VAL C 15 3.93 8.95 20.00
N GLY C 16 4.78 9.96 20.18
CA GLY C 16 5.40 10.60 19.04
C GLY C 16 6.22 9.65 18.20
N SER C 17 6.99 8.79 18.85
CA SER C 17 7.84 7.86 18.12
C SER C 17 7.02 6.81 17.38
N SER C 18 5.92 6.34 18.00
CA SER C 18 5.05 5.40 17.30
C SER C 18 4.40 6.06 16.09
N PHE C 19 3.94 7.31 16.24
CA PHE C 19 3.38 8.03 15.10
C PHE C 19 4.40 8.17 13.99
N ALA C 20 5.65 8.49 14.34
CA ALA C 20 6.69 8.66 13.33
C ALA C 20 6.97 7.35 12.60
N TYR C 21 7.13 6.26 13.35
CA TYR C 21 7.30 4.94 12.76
C TYR C 21 6.18 4.63 11.77
N ALA C 22 4.94 4.72 12.24
CA ALA C 22 3.80 4.42 11.38
C ALA C 22 3.79 5.31 10.13
N LEU C 23 4.17 6.59 10.29
CA LEU C 23 4.16 7.49 9.15
C LEU C 23 5.20 7.08 8.13
N THR C 24 6.41 6.73 8.58
CA THR C 24 7.43 6.30 7.63
C THR C 24 7.01 5.02 6.92
N ILE C 25 6.25 4.15 7.60
CA ILE C 25 5.76 2.94 6.94
C ILE C 25 4.66 3.28 5.94
N ASP C 26 3.66 4.04 6.38
CA ASP C 26 2.48 4.38 5.58
C ASP C 26 2.47 5.89 5.41
N ASN C 27 3.02 6.36 4.28
CA ASN C 27 3.39 7.75 4.10
C ASN C 27 2.60 8.35 2.94
N SER C 28 1.63 9.21 3.27
CA SER C 28 0.95 10.02 2.26
C SER C 28 1.78 11.27 1.97
N LEU C 29 2.99 11.03 1.48
CA LEU C 29 3.96 12.05 1.09
C LEU C 29 4.10 13.13 2.18
N VAL C 30 4.81 12.72 3.22
CA VAL C 30 5.59 13.63 4.05
C VAL C 30 7.02 13.54 3.53
N HIS C 31 7.52 14.62 2.93
CA HIS C 31 8.88 14.61 2.42
C HIS C 31 9.90 14.77 3.53
N GLU C 32 9.56 15.56 4.56
CA GLU C 32 10.49 15.89 5.63
C GLU C 32 9.77 15.70 6.96
N LEU C 33 10.36 14.88 7.84
CA LEU C 33 9.89 14.72 9.21
C LEU C 33 10.99 15.21 10.15
N VAL C 34 10.65 16.19 10.98
CA VAL C 34 11.59 16.80 11.93
C VAL C 34 11.12 16.47 13.34
N ILE C 35 12.01 15.92 14.14
CA ILE C 35 11.70 15.45 15.49
C ILE C 35 12.40 16.36 16.48
N ILE C 36 11.62 16.99 17.36
CA ILE C 36 12.12 17.91 18.37
C ILE C 36 11.77 17.34 19.74
N ASP C 37 12.71 17.44 20.68
CA ASP C 37 12.46 17.03 22.06
C ASP C 37 13.45 17.75 22.96
N VAL C 38 12.97 18.14 24.14
CA VAL C 38 13.87 18.76 25.12
C VAL C 38 15.00 17.81 25.48
N ASN C 39 14.74 16.51 25.47
CA ASN C 39 15.76 15.48 25.68
C ASN C 39 16.39 15.17 24.34
N GLU C 40 17.46 15.90 24.02
CA GLU C 40 18.06 15.79 22.69
C GLU C 40 18.50 14.35 22.39
N ASN C 41 19.05 13.66 23.39
CA ASN C 41 19.56 12.31 23.16
C ASN C 41 18.47 11.39 22.63
N LYS C 42 17.29 11.44 23.24
CA LYS C 42 16.18 10.59 22.82
C LYS C 42 15.78 10.91 21.37
N ALA C 43 15.66 12.19 21.05
CA ALA C 43 15.29 12.58 19.69
C ALA C 43 16.31 12.07 18.67
N LYS C 44 17.60 12.22 18.99
CA LYS C 44 18.64 11.76 18.07
C LYS C 44 18.59 10.26 17.90
N GLY C 45 18.44 9.51 19.00
CA GLY C 45 18.35 8.07 18.90
C GLY C 45 17.18 7.64 18.04
N GLU C 46 16.02 8.28 18.21
CA GLU C 46 14.87 7.91 17.41
C GLU C 46 15.07 8.26 15.94
N VAL C 47 15.70 9.42 15.67
CA VAL C 47 16.00 9.78 14.29
C VAL C 47 16.87 8.71 13.65
N MET C 48 17.92 8.28 14.34
CA MET C 48 18.81 7.26 13.79
C MET C 48 18.07 5.95 13.58
N ASP C 49 17.26 5.52 14.56
CA ASP C 49 16.57 4.25 14.43
C ASP C 49 15.58 4.27 13.27
N LEU C 50 14.90 5.40 13.07
CA LEU C 50 13.97 5.50 11.95
C LEU C 50 14.71 5.52 10.62
N ASN C 51 15.86 6.21 10.56
CA ASN C 51 16.59 6.30 9.29
C ASN C 51 17.21 4.95 8.92
N HIS C 52 17.68 4.19 9.91
CA HIS C 52 18.40 2.96 9.64
C HIS C 52 17.54 1.90 8.93
N GLY C 53 16.24 2.14 8.78
CA GLY C 53 15.37 1.17 8.13
C GLY C 53 14.79 1.65 6.82
N GLN C 54 15.40 2.68 6.22
CA GLN C 54 14.86 3.24 4.98
C GLN C 54 14.76 2.17 3.89
N MET C 55 15.74 1.27 3.83
CA MET C 55 15.77 0.25 2.78
C MET C 55 14.50 -0.59 2.76
N PHE C 56 13.81 -0.70 3.89
CA PHE C 56 12.61 -1.52 4.00
C PHE C 56 11.33 -0.75 3.71
N LEU C 57 11.41 0.56 3.50
CA LEU C 57 10.23 1.38 3.31
C LEU C 57 9.82 1.41 1.84
N LYS C 58 8.52 1.63 1.63
CA LYS C 58 8.02 1.82 0.26
C LYS C 58 8.58 3.12 -0.33
N LYS C 59 8.71 4.15 0.50
CA LYS C 59 9.20 5.45 0.06
C LYS C 59 10.31 5.91 0.99
N ASN C 60 11.27 6.63 0.41
CA ASN C 60 12.27 7.33 1.21
C ASN C 60 11.67 8.61 1.77
N ILE C 61 12.21 9.05 2.91
CA ILE C 61 11.74 10.25 3.60
C ILE C 61 12.88 10.81 4.43
N ASN C 62 13.08 12.13 4.35
CA ASN C 62 14.12 12.78 5.13
C ASN C 62 13.63 12.94 6.56
N VAL C 63 14.20 12.17 7.47
CA VAL C 63 13.93 12.28 8.90
C VAL C 63 15.14 12.97 9.54
N LEU C 64 14.90 14.05 10.28
CA LEU C 64 15.97 14.89 10.79
C LEU C 64 15.74 15.25 12.24
N PHE C 65 16.85 15.33 12.98
CA PHE C 65 16.85 15.96 14.30
C PHE C 65 16.92 17.47 14.12
N GLY C 66 16.10 18.20 14.86
CA GLY C 66 16.01 19.64 14.67
C GLY C 66 15.66 20.43 15.91
N THR C 67 15.44 21.72 15.72
CA THR C 67 15.12 22.67 16.78
C THR C 67 13.90 23.47 16.37
N TYR C 68 13.45 24.35 17.27
CA TYR C 68 12.23 25.10 17.01
C TYR C 68 12.35 25.96 15.75
N LYS C 69 13.57 26.36 15.39
CA LYS C 69 13.76 27.17 14.19
C LYS C 69 13.27 26.45 12.94
N ASP C 70 13.17 25.12 12.98
CA ASP C 70 12.68 24.37 11.83
C ASP C 70 11.18 24.51 11.64
N CYS C 71 10.46 25.05 12.62
CA CYS C 71 9.01 25.21 12.49
C CYS C 71 8.64 26.32 11.51
N ALA C 72 9.58 27.19 11.17
CA ALA C 72 9.28 28.35 10.34
C ALA C 72 8.49 27.95 9.09
N ASN C 73 9.03 27.01 8.32
CA ASN C 73 8.42 26.58 7.07
C ASN C 73 7.72 25.23 7.19
N ALA C 74 7.47 24.78 8.41
CA ALA C 74 6.75 23.52 8.59
C ALA C 74 5.29 23.68 8.15
N ASP C 75 4.74 22.62 7.57
CA ASP C 75 3.34 22.63 7.17
C ASP C 75 2.44 22.09 8.27
N ILE C 76 2.90 21.11 9.06
CA ILE C 76 2.15 20.63 10.21
C ILE C 76 3.06 20.54 11.41
N VAL C 77 2.52 20.86 12.59
CA VAL C 77 3.21 20.68 13.87
C VAL C 77 2.37 19.73 14.71
N VAL C 78 2.93 18.59 15.06
CA VAL C 78 2.27 17.58 15.88
C VAL C 78 2.88 17.63 17.28
N ILE C 79 2.05 17.89 18.28
CA ILE C 79 2.52 18.05 19.66
C ILE C 79 2.10 16.82 20.46
N THR C 80 3.07 15.96 20.77
CA THR C 80 2.88 14.85 21.68
C THR C 80 3.68 15.04 22.97
N ALA C 81 4.16 16.25 23.23
CA ALA C 81 4.97 16.53 24.40
C ALA C 81 4.08 16.73 25.62
N GLY C 82 4.56 16.26 26.76
CA GLY C 82 3.86 16.38 28.02
C GLY C 82 3.82 15.07 28.77
N LEU C 83 3.25 15.13 29.96
CA LEU C 83 3.14 13.99 30.85
C LEU C 83 1.77 13.33 30.71
N ASN C 84 1.73 12.03 30.96
CA ASN C 84 0.47 11.30 31.03
C ASN C 84 0.03 11.20 32.49
N GLN C 85 -1.26 10.90 32.68
CA GLN C 85 -1.79 10.81 34.03
C GLN C 85 -1.05 9.75 34.82
N LYS C 86 -0.96 9.97 36.13
CA LYS C 86 -0.34 9.06 37.07
C LYS C 86 -1.34 8.72 38.16
N PRO C 87 -1.10 7.69 38.94
CA PRO C 87 -2.03 7.33 40.03
C PRO C 87 -2.23 8.51 40.97
N GLY C 88 -3.49 8.91 41.14
CA GLY C 88 -3.83 10.02 41.99
C GLY C 88 -3.79 11.38 41.32
N GLU C 89 -3.39 11.44 40.06
CA GLU C 89 -3.38 12.70 39.31
C GLU C 89 -4.70 12.84 38.56
N THR C 90 -5.48 13.86 38.92
CA THR C 90 -6.73 14.12 38.25
C THR C 90 -6.50 14.91 36.96
N ARG C 91 -7.54 14.99 36.13
CA ARG C 91 -7.43 15.76 34.91
C ARG C 91 -6.99 17.20 35.20
N LEU C 92 -7.31 17.70 36.40
CA LEU C 92 -6.97 19.08 36.74
C LEU C 92 -5.46 19.27 36.88
N ASP C 93 -4.80 18.39 37.63
CA ASP C 93 -3.35 18.47 37.81
C ASP C 93 -2.64 18.39 36.46
N LEU C 94 -3.06 17.42 35.64
CA LEU C 94 -2.48 17.28 34.30
C LEU C 94 -2.71 18.53 33.49
N VAL C 95 -3.90 19.13 33.58
CA VAL C 95 -4.15 20.38 32.86
C VAL C 95 -3.12 21.42 33.27
N ASP C 96 -2.94 21.63 34.56
CA ASP C 96 -1.98 22.63 35.04
C ASP C 96 -0.61 22.39 34.43
N LYS C 97 -0.03 21.20 34.71
CA LYS C 97 1.34 20.93 34.29
C LYS C 97 1.50 21.07 32.78
N ASN C 98 0.62 20.40 32.02
CA ASN C 98 0.79 20.35 30.58
C ASN C 98 0.47 21.70 29.93
N SER C 99 -0.40 22.51 30.54
CA SER C 99 -0.64 23.84 30.00
C SER C 99 0.58 24.73 30.17
N LYS C 100 1.33 24.56 31.27
CA LYS C 100 2.59 25.30 31.37
C LYS C 100 3.57 24.85 30.30
N ILE C 101 3.74 23.53 30.14
CA ILE C 101 4.62 23.03 29.09
C ILE C 101 4.22 23.58 27.73
N PHE C 102 2.91 23.65 27.47
CA PHE C 102 2.43 24.13 26.19
C PHE C 102 2.67 25.62 26.02
N LYS C 103 2.54 26.39 27.11
CA LYS C 103 2.96 27.79 27.06
C LYS C 103 4.33 27.88 26.42
N ASP C 104 5.29 27.16 27.01
CA ASP C 104 6.66 27.17 26.46
C ASP C 104 6.67 26.80 24.99
N ILE C 105 6.09 25.65 24.65
CA ILE C 105 6.24 25.10 23.30
C ILE C 105 5.61 26.05 22.27
N ILE C 106 4.38 26.48 22.53
CA ILE C 106 3.66 27.32 21.57
C ILE C 106 4.38 28.64 21.39
N THR C 107 4.91 29.22 22.46
CA THR C 107 5.66 30.46 22.31
C THR C 107 6.83 30.26 21.36
N ASN C 108 7.65 29.25 21.62
CA ASN C 108 8.79 29.00 20.73
C ASN C 108 8.33 28.83 19.29
N VAL C 109 7.30 28.01 19.08
CA VAL C 109 6.88 27.66 17.72
C VAL C 109 6.42 28.90 16.98
N VAL C 110 5.54 29.71 17.60
CA VAL C 110 5.00 30.87 16.91
C VAL C 110 6.09 31.89 16.65
N SER C 111 7.04 32.04 17.59
CA SER C 111 8.14 32.95 17.34
C SER C 111 8.92 32.54 16.10
N SER C 112 9.00 31.23 15.82
CA SER C 112 9.74 30.81 14.65
C SER C 112 9.14 31.28 13.32
N GLY C 113 7.86 31.66 13.30
CA GLY C 113 7.19 32.06 12.07
C GLY C 113 6.21 31.04 11.53
N PHE C 114 6.01 29.93 12.24
CA PHE C 114 5.09 28.88 11.79
C PHE C 114 3.73 29.46 11.46
N ASP C 115 3.17 29.02 10.33
CA ASP C 115 1.84 29.43 9.89
C ASP C 115 1.08 28.25 9.30
N GLY C 116 1.23 27.08 9.91
CA GLY C 116 0.61 25.87 9.39
C GLY C 116 -0.56 25.37 10.23
N ILE C 117 -0.62 24.06 10.44
CA ILE C 117 -1.71 23.42 11.17
C ILE C 117 -1.14 22.74 12.40
N PHE C 118 -1.80 22.92 13.54
CA PHE C 118 -1.46 22.22 14.77
C PHE C 118 -2.30 20.96 14.90
N VAL C 119 -1.65 19.84 15.23
CA VAL C 119 -2.32 18.60 15.60
C VAL C 119 -1.88 18.24 17.00
N VAL C 120 -2.84 18.20 17.94
CA VAL C 120 -2.56 18.09 19.36
C VAL C 120 -2.99 16.72 19.84
N ALA C 121 -2.15 16.10 20.68
CA ALA C 121 -2.45 14.79 21.25
C ALA C 121 -2.22 14.71 22.75
N SER C 122 -1.44 15.61 23.35
CA SER C 122 -1.21 15.57 24.78
C SER C 122 -2.53 15.67 25.54
N ASN C 123 -2.56 15.07 26.76
CA ASN C 123 -3.79 14.96 27.54
C ASN C 123 -3.88 16.09 28.57
N PRO C 124 -5.09 16.50 28.96
CA PRO C 124 -6.39 16.06 28.45
C PRO C 124 -6.63 16.73 27.10
N VAL C 125 -6.85 15.93 26.05
CA VAL C 125 -6.61 16.42 24.69
C VAL C 125 -7.55 17.56 24.33
N ASP C 126 -8.79 17.51 24.80
CA ASP C 126 -9.72 18.61 24.50
C ASP C 126 -9.23 19.92 25.11
N ILE C 127 -8.84 19.87 26.40
CA ILE C 127 -8.37 21.07 27.08
C ILE C 127 -7.07 21.56 26.45
N MET C 128 -6.16 20.64 26.13
CA MET C 128 -4.90 21.06 25.52
C MET C 128 -5.10 21.62 24.13
N THR C 129 -6.10 21.13 23.39
CA THR C 129 -6.44 21.72 22.10
C THR C 129 -6.92 23.15 22.28
N TYR C 130 -7.85 23.35 23.22
CA TYR C 130 -8.31 24.70 23.54
C TYR C 130 -7.13 25.60 23.89
N VAL C 131 -6.19 25.09 24.69
CA VAL C 131 -5.08 25.89 25.17
C VAL C 131 -4.12 26.22 24.03
N THR C 132 -3.90 25.27 23.11
CA THR C 132 -3.07 25.57 21.95
C THR C 132 -3.69 26.68 21.12
N MET C 133 -5.00 26.59 20.88
CA MET C 133 -5.68 27.65 20.14
C MET C 133 -5.53 28.99 20.84
N LYS C 134 -5.73 29.01 22.16
CA LYS C 134 -5.69 30.28 22.88
C LYS C 134 -4.28 30.87 22.89
N TYR C 135 -3.26 30.04 23.13
CA TYR C 135 -1.90 30.56 23.22
C TYR C 135 -1.37 30.98 21.85
N SER C 136 -1.75 30.26 20.79
CA SER C 136 -1.17 30.54 19.48
C SER C 136 -1.88 31.67 18.75
N LYS C 137 -3.14 31.93 19.07
CA LYS C 137 -3.99 32.89 18.39
C LYS C 137 -4.34 32.47 16.97
N PHE C 138 -3.97 31.25 16.56
CA PHE C 138 -4.31 30.77 15.24
C PHE C 138 -5.82 30.66 15.09
N PRO C 139 -6.32 30.59 13.85
CA PRO C 139 -7.75 30.34 13.65
C PRO C 139 -8.16 29.00 14.25
N ILE C 140 -9.46 28.90 14.58
CA ILE C 140 -9.97 27.67 15.18
C ILE C 140 -9.78 26.50 14.22
N HIS C 141 -9.98 26.73 12.93
CA HIS C 141 -9.91 25.63 11.96
C HIS C 141 -8.49 25.12 11.75
N LYS C 142 -7.48 25.78 12.30
CA LYS C 142 -6.09 25.37 12.15
C LYS C 142 -5.53 24.69 13.39
N VAL C 143 -6.38 24.35 14.35
CA VAL C 143 -5.96 23.67 15.58
C VAL C 143 -6.82 22.42 15.72
N ILE C 144 -6.21 21.25 15.57
CA ILE C 144 -6.91 19.97 15.61
C ILE C 144 -6.39 19.17 16.80
N GLY C 145 -7.31 18.49 17.48
CA GLY C 145 -6.96 17.55 18.53
C GLY C 145 -7.50 16.18 18.19
N THR C 146 -6.84 15.14 18.73
CA THR C 146 -7.27 13.77 18.44
C THR C 146 -8.65 13.47 18.99
N GLY C 147 -9.11 14.19 20.00
CA GLY C 147 -10.47 14.02 20.47
C GLY C 147 -10.72 12.60 20.95
N THR C 148 -11.86 12.04 20.53
CA THR C 148 -12.27 10.69 20.91
C THR C 148 -12.01 9.67 19.81
N ILE C 149 -11.06 9.95 18.92
CA ILE C 149 -10.77 9.04 17.82
C ILE C 149 -10.27 7.70 18.35
N LEU C 150 -9.45 7.74 19.41
CA LEU C 150 -8.94 6.51 20.00
C LEU C 150 -10.04 5.72 20.70
N ASP C 151 -10.88 6.41 21.47
CA ASP C 151 -12.01 5.74 22.12
C ASP C 151 -12.95 5.14 21.09
N THR C 152 -13.15 5.85 19.96
CA THR C 152 -13.97 5.31 18.89
C THR C 152 -13.34 4.05 18.29
N SER C 153 -12.02 4.07 18.10
CA SER C 153 -11.34 2.89 17.58
C SER C 153 -11.50 1.70 18.52
N ARG C 154 -11.36 1.93 19.83
CA ARG C 154 -11.53 0.85 20.79
C ARG C 154 -12.96 0.32 20.78
N LEU C 155 -13.94 1.23 20.78
CA LEU C 155 -15.34 0.84 20.67
C LEU C 155 -15.56 -0.07 19.47
N ARG C 156 -15.02 0.33 18.31
CA ARG C 156 -15.27 -0.43 17.10
C ARG C 156 -14.53 -1.77 17.12
N TYR C 157 -13.35 -1.83 17.74
CA TYR C 157 -12.71 -3.13 17.91
C TYR C 157 -13.56 -4.07 18.75
N PHE C 158 -14.10 -3.56 19.85
CA PHE C 158 -14.92 -4.40 20.72
C PHE C 158 -16.16 -4.90 19.98
N LEU C 159 -16.82 -4.01 19.25
CA LEU C 159 -18.00 -4.42 18.50
C LEU C 159 -17.63 -5.38 17.37
N SER C 160 -16.45 -5.22 16.78
CA SER C 160 -16.01 -6.11 15.71
C SER C 160 -15.75 -7.51 16.25
N ASP C 161 -15.17 -7.62 17.44
CA ASP C 161 -14.96 -8.94 18.03
C ASP C 161 -16.27 -9.56 18.47
N HIS C 162 -17.15 -8.77 19.09
CA HIS C 162 -18.43 -9.32 19.55
C HIS C 162 -19.24 -9.84 18.37
N PHE C 163 -19.45 -9.01 17.35
CA PHE C 163 -20.23 -9.38 16.18
C PHE C 163 -19.40 -10.09 15.13
N ASN C 164 -18.11 -10.28 15.37
CA ASN C 164 -17.19 -10.91 14.42
C ASN C 164 -17.43 -10.37 13.01
N VAL C 165 -17.26 -9.05 12.90
CA VAL C 165 -17.50 -8.33 11.65
C VAL C 165 -16.41 -7.26 11.52
N ASN C 166 -15.98 -7.02 10.29
CA ASN C 166 -14.93 -6.05 10.02
C ASN C 166 -15.25 -4.70 10.65
N THR C 167 -14.23 -4.09 11.27
CA THR C 167 -14.40 -2.76 11.84
C THR C 167 -14.90 -1.77 10.81
N GLN C 168 -14.61 -2.03 9.52
CA GLN C 168 -15.01 -1.13 8.45
C GLN C 168 -16.52 -1.04 8.31
N ASN C 169 -17.28 -1.97 8.87
CA ASN C 169 -18.73 -1.92 8.86
C ASN C 169 -19.32 -1.50 10.19
N ILE C 170 -18.50 -1.21 11.19
CA ILE C 170 -18.97 -0.82 12.51
C ILE C 170 -19.12 0.70 12.52
N HIS C 171 -20.37 1.16 12.48
CA HIS C 171 -20.69 2.58 12.42
C HIS C 171 -21.20 2.99 13.80
N SER C 172 -20.31 3.62 14.57
CA SER C 172 -20.59 4.02 15.95
C SER C 172 -19.48 4.96 16.39
N TYR C 173 -19.84 5.89 17.28
CA TYR C 173 -18.92 6.90 17.77
C TYR C 173 -18.83 6.86 19.29
N ILE C 174 -17.69 7.29 19.81
CA ILE C 174 -17.56 7.78 21.18
C ILE C 174 -17.42 9.29 21.08
N MET C 175 -18.19 10.01 21.90
CA MET C 175 -18.21 11.47 21.86
C MET C 175 -18.01 12.01 23.26
N GLY C 176 -17.84 13.34 23.34
CA GLY C 176 -17.59 14.00 24.60
C GLY C 176 -16.11 14.12 24.88
N GLU C 177 -15.81 14.44 26.13
CA GLU C 177 -14.42 14.51 26.56
C GLU C 177 -13.73 13.18 26.32
N HIS C 178 -12.48 13.24 25.87
CA HIS C 178 -11.64 12.04 25.79
C HIS C 178 -11.25 11.67 27.22
N GLY C 179 -12.15 10.98 27.89
CA GLY C 179 -11.94 10.60 29.27
C GLY C 179 -13.07 9.79 29.86
N ASP C 180 -13.40 10.04 31.13
CA ASP C 180 -14.41 9.26 31.82
C ASP C 180 -15.82 9.75 31.54
N SER C 181 -15.98 11.04 31.18
CA SER C 181 -17.29 11.57 30.83
C SER C 181 -17.65 11.33 29.37
N SER C 182 -17.04 10.35 28.72
CA SER C 182 -17.38 10.00 27.36
C SER C 182 -18.58 9.06 27.33
N PHE C 183 -19.25 9.01 26.17
CA PHE C 183 -20.40 8.15 26.00
C PHE C 183 -20.42 7.60 24.59
N ALA C 184 -21.12 6.49 24.41
CA ALA C 184 -21.30 5.85 23.12
C ALA C 184 -22.62 6.27 22.49
N THR C 185 -22.65 6.30 21.16
CA THR C 185 -23.87 6.64 20.42
C THR C 185 -24.66 5.36 20.12
N TRP C 186 -25.00 4.65 21.19
CA TRP C 186 -25.71 3.38 21.04
C TRP C 186 -26.96 3.53 20.18
N ASP C 187 -27.76 4.56 20.45
CA ASP C 187 -29.06 4.71 19.81
C ASP C 187 -28.96 5.12 18.36
N GLU C 188 -27.76 5.36 17.83
CA GLU C 188 -27.56 5.65 16.42
C GLU C 188 -26.61 4.66 15.76
N THR C 189 -26.21 3.61 16.46
CA THR C 189 -25.25 2.64 15.95
C THR C 189 -25.88 1.73 14.91
N LYS C 190 -25.07 1.32 13.94
CA LYS C 190 -25.50 0.40 12.89
C LYS C 190 -24.31 -0.46 12.50
N ILE C 191 -24.55 -1.76 12.28
CA ILE C 191 -23.57 -2.64 11.64
C ILE C 191 -24.00 -2.78 10.19
N ALA C 192 -23.19 -2.24 9.27
CA ALA C 192 -23.57 -2.08 7.88
C ALA C 192 -24.77 -1.13 7.81
N MET C 193 -25.99 -1.66 7.78
CA MET C 193 -27.16 -0.80 7.97
C MET C 193 -28.23 -1.52 8.79
N LYS C 194 -27.81 -2.44 9.66
CA LYS C 194 -28.69 -3.08 10.61
C LYS C 194 -28.59 -2.35 11.94
N PRO C 195 -29.62 -1.63 12.38
CA PRO C 195 -29.53 -0.92 13.66
C PRO C 195 -29.17 -1.86 14.80
N LEU C 196 -28.39 -1.33 15.75
CA LEU C 196 -28.11 -2.09 16.98
C LEU C 196 -29.39 -2.50 17.68
N SER C 197 -30.46 -1.74 17.50
CA SER C 197 -31.75 -2.09 18.09
C SER C 197 -32.19 -3.48 17.64
N GLU C 198 -32.09 -3.76 16.34
CA GLU C 198 -32.48 -5.06 15.84
C GLU C 198 -31.63 -6.17 16.45
N TYR C 199 -30.32 -5.95 16.58
CA TYR C 199 -29.47 -6.93 17.23
C TYR C 199 -29.89 -7.16 18.67
N LEU C 200 -30.37 -6.11 19.35
CA LEU C 200 -30.83 -6.27 20.72
C LEU C 200 -32.12 -7.10 20.78
N ALA C 201 -33.06 -6.81 19.89
CA ALA C 201 -34.33 -7.54 19.89
C ALA C 201 -34.11 -9.04 19.76
N GLU C 202 -33.26 -9.45 18.80
CA GLU C 202 -33.02 -10.87 18.56
C GLU C 202 -32.15 -11.53 19.60
N GLY C 203 -31.78 -10.86 20.70
CA GLY C 203 -30.89 -11.48 21.66
C GLY C 203 -29.45 -11.62 21.19
N LYS C 204 -29.08 -11.04 20.06
CA LYS C 204 -27.69 -11.09 19.62
C LYS C 204 -26.78 -10.29 20.53
N ILE C 205 -27.33 -9.35 21.30
CA ILE C 205 -26.58 -8.59 22.30
C ILE C 205 -27.59 -8.12 23.35
N THR C 206 -27.07 -7.64 24.48
CA THR C 206 -27.90 -7.24 25.62
C THR C 206 -27.46 -5.86 26.11
N GLU C 207 -28.32 -5.26 26.95
CA GLU C 207 -27.99 -3.96 27.53
C GLU C 207 -26.79 -4.05 28.46
N LEU C 208 -26.71 -5.12 29.26
CA LEU C 208 -25.57 -5.29 30.16
C LEU C 208 -24.28 -5.43 29.36
N GLU C 209 -24.33 -6.10 28.21
CA GLU C 209 -23.15 -6.23 27.37
C GLU C 209 -22.74 -4.86 26.82
N LEU C 210 -23.71 -4.01 26.50
CA LEU C 210 -23.37 -2.66 26.05
C LEU C 210 -22.73 -1.84 27.17
N ASP C 211 -23.29 -1.93 28.38
CA ASP C 211 -22.69 -1.22 29.51
C ASP C 211 -21.27 -1.71 29.76
N GLU C 212 -21.05 -3.03 29.67
CA GLU C 212 -19.72 -3.57 29.87
C GLU C 212 -18.77 -3.14 28.75
N ILE C 213 -19.28 -2.99 27.53
CA ILE C 213 -18.43 -2.53 26.44
C ILE C 213 -18.01 -1.08 26.68
N HIS C 214 -18.95 -0.23 27.09
CA HIS C 214 -18.60 1.15 27.41
C HIS C 214 -17.61 1.21 28.57
N LYS C 215 -17.81 0.36 29.57
CA LYS C 215 -16.89 0.29 30.69
C LYS C 215 -15.49 -0.10 30.23
N LYS C 216 -15.40 -1.11 29.35
CA LYS C 216 -14.12 -1.50 28.79
C LYS C 216 -13.47 -0.33 28.06
N VAL C 217 -14.25 0.39 27.26
CA VAL C 217 -13.69 1.51 26.51
C VAL C 217 -13.13 2.56 27.48
N VAL C 218 -13.84 2.83 28.56
CA VAL C 218 -13.40 3.86 29.49
C VAL C 218 -12.19 3.39 30.30
N ASN C 219 -12.07 2.08 30.54
CA ASN C 219 -11.01 1.55 31.40
C ASN C 219 -9.77 1.08 30.63
N ALA C 220 -9.84 1.03 29.30
CA ALA C 220 -8.75 0.48 28.51
C ALA C 220 -7.43 1.17 28.80
N ALA C 221 -7.45 2.50 28.94
CA ALA C 221 -6.21 3.22 29.20
C ALA C 221 -5.54 2.73 30.47
N TYR C 222 -6.30 2.71 31.58
CA TYR C 222 -5.73 2.24 32.84
C TYR C 222 -5.24 0.80 32.71
N GLU C 223 -6.00 -0.06 32.04
CA GLU C 223 -5.62 -1.47 31.96
C GLU C 223 -4.30 -1.62 31.21
N VAL C 224 -4.18 -0.99 30.04
CA VAL C 224 -2.96 -1.15 29.27
C VAL C 224 -1.78 -0.48 29.97
N ILE C 225 -2.02 0.63 30.67
CA ILE C 225 -0.94 1.28 31.40
C ILE C 225 -0.43 0.37 32.50
N LYS C 226 -1.35 -0.23 33.27
CA LYS C 226 -0.95 -1.19 34.29
C LYS C 226 -0.19 -2.35 33.67
N LEU C 227 -0.58 -2.78 32.47
CA LEU C 227 -0.02 -3.99 31.90
C LEU C 227 1.36 -3.76 31.28
N LYS C 228 1.60 -2.61 30.66
CA LYS C 228 2.86 -2.40 29.95
C LYS C 228 3.40 -0.97 30.08
N GLY C 229 2.85 -0.15 30.95
CA GLY C 229 3.43 1.16 31.20
C GLY C 229 2.71 2.32 30.56
N ALA C 230 2.39 2.18 29.27
CA ALA C 230 1.70 3.25 28.55
C ALA C 230 1.09 2.66 27.29
N THR C 231 0.19 3.43 26.67
CA THR C 231 -0.34 3.14 25.35
C THR C 231 0.27 4.11 24.35
N TYR C 232 0.49 3.64 23.12
CA TYR C 232 1.00 4.53 22.10
C TYR C 232 0.83 4.03 20.67
N TYR C 233 0.55 2.73 20.49
CA TYR C 233 0.42 2.20 19.13
C TYR C 233 -0.86 2.71 18.47
N ALA C 234 -2.01 2.52 19.13
CA ALA C 234 -3.27 2.93 18.54
C ALA C 234 -3.31 4.43 18.29
N ILE C 235 -2.87 5.23 19.25
CA ILE C 235 -2.89 6.68 19.07
C ILE C 235 -1.88 7.09 18.01
N GLY C 236 -0.76 6.36 17.90
CA GLY C 236 0.14 6.59 16.79
C GLY C 236 -0.55 6.44 15.45
N LEU C 237 -1.30 5.34 15.28
CA LEU C 237 -2.02 5.14 14.03
C LEU C 237 -3.08 6.23 13.83
N GLY C 238 -3.73 6.66 14.91
CA GLY C 238 -4.73 7.72 14.77
C GLY C 238 -4.13 9.03 14.30
N ILE C 239 -3.03 9.45 14.93
CA ILE C 239 -2.35 10.67 14.51
C ILE C 239 -1.89 10.55 13.06
N LYS C 240 -1.34 9.39 12.70
CA LYS C 240 -0.90 9.18 11.32
C LYS C 240 -2.05 9.32 10.34
N ASN C 241 -3.20 8.74 10.68
CA ASN C 241 -4.36 8.83 9.80
C ASN C 241 -4.82 10.28 9.66
N ILE C 242 -4.78 11.04 10.75
CA ILE C 242 -5.15 12.45 10.68
C ILE C 242 -4.20 13.20 9.75
N VAL C 243 -2.90 12.98 9.91
CA VAL C 243 -1.91 13.70 9.12
C VAL C 243 -2.08 13.37 7.64
N ASN C 244 -2.32 12.09 7.33
CA ASN C 244 -2.47 11.70 5.93
C ASN C 244 -3.78 12.23 5.35
N ALA C 245 -4.85 12.26 6.16
CA ALA C 245 -6.09 12.87 5.70
C ALA C 245 -5.88 14.35 5.38
N ILE C 246 -5.08 15.04 6.20
CA ILE C 246 -4.80 16.44 5.95
C ILE C 246 -4.04 16.61 4.64
N ILE C 247 -2.83 16.02 4.57
CA ILE C 247 -2.01 16.21 3.38
C ILE C 247 -2.73 15.72 2.14
N GLY C 248 -3.62 14.75 2.29
CA GLY C 248 -4.37 14.20 1.17
C GLY C 248 -5.60 14.97 0.77
N ASP C 249 -5.98 16.01 1.51
CA ASP C 249 -7.17 16.79 1.22
C ASP C 249 -8.37 15.87 1.01
N GLN C 250 -8.52 14.92 1.94
CA GLN C 250 -9.44 13.81 1.74
C GLN C 250 -10.89 14.15 2.09
N ASN C 251 -11.15 15.26 2.78
CA ASN C 251 -12.51 15.64 3.15
C ASN C 251 -13.19 14.52 3.94
N VAL C 252 -12.49 14.01 4.95
CA VAL C 252 -12.97 12.83 5.68
C VAL C 252 -13.52 13.25 7.02
N ILE C 253 -14.60 12.61 7.45
CA ILE C 253 -15.23 12.93 8.73
C ILE C 253 -14.62 12.06 9.81
N LEU C 254 -14.16 12.70 10.88
CA LEU C 254 -13.54 11.98 12.00
C LEU C 254 -14.00 12.59 13.31
N PRO C 255 -14.05 11.77 14.38
CA PRO C 255 -14.43 12.27 15.73
C PRO C 255 -13.27 12.88 16.49
N ILE C 256 -12.97 14.14 16.14
CA ILE C 256 -11.79 14.81 16.69
C ILE C 256 -12.21 15.85 17.72
N SER C 257 -11.23 16.50 18.34
CA SER C 257 -11.49 17.65 19.21
C SER C 257 -12.00 18.79 18.33
N SER C 258 -13.32 18.95 18.27
CA SER C 258 -13.96 19.93 17.42
C SER C 258 -14.48 21.08 18.27
N TYR C 259 -14.42 22.28 17.72
CA TYR C 259 -14.88 23.50 18.38
C TYR C 259 -16.37 23.66 18.13
N ILE C 260 -17.16 23.66 19.20
CA ILE C 260 -18.61 23.79 19.10
C ILE C 260 -19.03 25.18 19.58
N ASN C 261 -20.01 25.76 18.90
CA ASN C 261 -20.66 26.98 19.36
C ASN C 261 -22.07 27.07 18.77
N GLY C 262 -22.92 26.10 19.11
CA GLY C 262 -24.28 26.06 18.62
C GLY C 262 -24.77 24.63 18.43
N GLN C 263 -23.87 23.76 17.99
CA GLN C 263 -24.23 22.39 17.67
C GLN C 263 -24.70 21.64 18.92
N TYR C 264 -25.53 20.62 18.70
CA TYR C 264 -26.00 19.73 19.76
C TYR C 264 -26.77 20.49 20.84
N GLY C 265 -27.69 21.35 20.38
CA GLY C 265 -28.52 22.13 21.27
C GLY C 265 -27.89 23.42 21.74
N GLY C 266 -26.58 23.58 21.59
CA GLY C 266 -25.93 24.83 21.93
C GLY C 266 -26.09 25.24 23.38
N LEU C 267 -26.26 24.30 24.29
CA LEU C 267 -26.30 24.64 25.71
C LEU C 267 -24.93 25.14 26.17
N ILE C 268 -23.89 24.35 25.92
CA ILE C 268 -22.51 24.78 26.16
C ILE C 268 -21.92 25.18 24.81
N LYS C 269 -21.14 26.26 24.80
CA LYS C 269 -20.54 26.78 23.58
C LYS C 269 -19.10 27.15 23.85
N ASP C 270 -18.31 27.21 22.77
CA ASP C 270 -16.95 27.74 22.79
C ASP C 270 -16.01 26.80 23.57
N ILE C 271 -16.04 25.52 23.20
CA ILE C 271 -15.06 24.56 23.70
C ILE C 271 -14.75 23.55 22.61
N TYR C 272 -13.61 22.88 22.77
CA TYR C 272 -13.25 21.72 21.98
C TYR C 272 -13.73 20.46 22.70
N ILE C 273 -14.34 19.56 21.96
CA ILE C 273 -14.88 18.32 22.52
C ILE C 273 -14.92 17.27 21.42
N GLY C 274 -14.94 16.00 21.84
CA GLY C 274 -14.99 14.90 20.89
C GLY C 274 -16.25 14.94 20.04
N ALA C 275 -16.11 15.24 18.75
CA ALA C 275 -17.25 15.39 17.87
C ALA C 275 -16.79 15.20 16.43
N PRO C 276 -17.70 14.83 15.53
CA PRO C 276 -17.31 14.63 14.13
C PRO C 276 -17.10 15.94 13.39
N ALA C 277 -16.04 15.97 12.59
CA ALA C 277 -15.72 17.13 11.76
C ALA C 277 -15.07 16.66 10.47
N ILE C 278 -15.22 17.47 9.43
CA ILE C 278 -14.59 17.20 8.14
C ILE C 278 -13.16 17.72 8.17
N VAL C 279 -12.21 16.87 7.81
CA VAL C 279 -10.79 17.19 7.75
C VAL C 279 -10.38 17.27 6.29
N CYS C 280 -9.54 18.25 5.97
CA CYS C 280 -9.09 18.50 4.61
C CYS C 280 -7.72 19.20 4.68
N LYS C 281 -7.31 19.75 3.53
CA LYS C 281 -5.96 20.31 3.43
C LYS C 281 -5.78 21.54 4.29
N GLU C 282 -6.84 22.33 4.50
CA GLU C 282 -6.76 23.56 5.27
C GLU C 282 -6.99 23.34 6.76
N GLY C 283 -7.22 22.10 7.19
CA GLY C 283 -7.56 21.83 8.57
C GLY C 283 -8.99 21.35 8.71
N VAL C 284 -9.74 21.95 9.63
CA VAL C 284 -11.13 21.59 9.85
C VAL C 284 -11.99 22.44 8.92
N LYS C 285 -12.67 21.79 7.98
CA LYS C 285 -13.55 22.50 7.06
C LYS C 285 -14.89 22.81 7.71
N GLU C 286 -15.41 21.90 8.53
CA GLU C 286 -16.72 22.08 9.11
C GLU C 286 -16.91 21.12 10.28
N VAL C 287 -17.56 21.62 11.33
CA VAL C 287 -17.96 20.81 12.48
C VAL C 287 -19.41 20.43 12.28
N LEU C 288 -19.69 19.12 12.23
CA LEU C 288 -20.99 18.62 11.84
C LEU C 288 -21.99 18.76 13.00
N ASN C 289 -23.25 18.40 12.71
CA ASN C 289 -24.34 18.58 13.66
C ASN C 289 -25.45 17.58 13.35
N PHE C 290 -25.21 16.31 13.69
CA PHE C 290 -26.30 15.35 13.81
C PHE C 290 -26.83 15.41 15.25
N LYS C 291 -28.04 14.90 15.44
CA LYS C 291 -28.71 15.01 16.72
C LYS C 291 -29.01 13.62 17.27
N ILE C 292 -29.03 13.53 18.60
CA ILE C 292 -28.89 12.26 19.30
C ILE C 292 -30.04 12.11 20.30
N SER C 293 -30.08 10.94 20.94
CA SER C 293 -31.15 10.61 21.86
C SER C 293 -31.08 11.48 23.11
N PRO C 294 -32.20 11.59 23.85
CA PRO C 294 -32.16 12.36 25.10
C PRO C 294 -31.11 11.88 26.09
N LYS C 295 -31.06 10.57 26.36
CA LYS C 295 -29.99 10.00 27.17
C LYS C 295 -28.65 10.59 26.78
N GLU C 296 -28.32 10.44 25.49
CA GLU C 296 -26.99 10.78 25.02
C GLU C 296 -26.75 12.29 25.02
N LEU C 297 -27.80 13.10 24.82
CA LEU C 297 -27.60 14.54 24.88
C LEU C 297 -27.39 14.99 26.32
N ASP C 298 -28.07 14.38 27.28
CA ASP C 298 -27.79 14.66 28.68
C ASP C 298 -26.33 14.34 29.01
N LYS C 299 -25.87 13.16 28.56
CA LYS C 299 -24.47 12.80 28.78
C LYS C 299 -23.53 13.82 28.13
N PHE C 300 -23.83 14.21 26.89
CA PHE C 300 -22.97 15.15 26.17
C PHE C 300 -22.91 16.50 26.88
N ASN C 301 -24.05 16.99 27.36
CA ASN C 301 -24.07 18.27 28.04
C ASN C 301 -23.33 18.19 29.37
N SER C 302 -23.45 17.08 30.08
CA SER C 302 -22.66 16.89 31.29
C SER C 302 -21.17 16.95 30.98
N SER C 303 -20.74 16.29 29.91
CA SER C 303 -19.32 16.29 29.56
C SER C 303 -18.83 17.68 29.16
N ALA C 304 -19.61 18.37 28.33
CA ALA C 304 -19.24 19.72 27.92
C ALA C 304 -19.22 20.67 29.11
N ASN C 305 -20.13 20.47 30.07
CA ASN C 305 -20.12 21.26 31.29
C ASN C 305 -18.84 21.02 32.08
N GLN C 306 -18.47 19.75 32.24
CA GLN C 306 -17.18 19.43 32.84
C GLN C 306 -16.06 20.25 32.20
N LEU C 307 -15.89 20.08 30.89
CA LEU C 307 -14.78 20.74 30.19
C LEU C 307 -14.84 22.26 30.36
N LYS C 308 -16.04 22.84 30.21
CA LYS C 308 -16.17 24.29 30.27
C LYS C 308 -15.83 24.81 31.66
N SER C 309 -16.20 24.08 32.71
CA SER C 309 -15.82 24.50 34.06
C SER C 309 -14.31 24.46 34.23
N TYR C 310 -13.68 23.34 33.87
CA TYR C 310 -12.23 23.24 33.98
C TYR C 310 -11.57 24.40 33.23
N ILE C 311 -12.14 24.79 32.09
CA ILE C 311 -11.59 25.90 31.32
C ILE C 311 -11.77 27.20 32.09
N ASP C 312 -12.99 27.48 32.54
CA ASP C 312 -13.28 28.76 33.18
C ASP C 312 -12.42 28.97 34.41
N LYS C 313 -11.98 27.90 35.07
CA LYS C 313 -11.03 28.06 36.16
C LYS C 313 -9.88 28.97 35.75
N MET C 314 -9.09 28.51 34.77
CA MET C 314 -7.94 29.27 34.26
C MET C 314 -8.30 30.74 34.06
N MET D 1 0.94 -25.99 6.67
CA MET D 1 2.04 -25.49 5.80
C MET D 1 1.53 -24.38 4.88
N LEU D 2 2.45 -23.56 4.39
CA LEU D 2 2.08 -22.41 3.57
C LEU D 2 1.74 -22.85 2.16
N LYS D 3 0.78 -22.16 1.56
CA LYS D 3 0.16 -22.57 0.31
C LYS D 3 0.27 -21.46 -0.73
N SER D 4 0.17 -21.86 -2.00
CA SER D 4 0.09 -20.93 -3.12
C SER D 4 -1.37 -20.70 -3.46
N ASN D 5 -1.84 -19.46 -3.29
CA ASN D 5 -3.22 -19.12 -3.57
C ASN D 5 -3.41 -18.90 -5.06
N LYS D 6 -4.38 -19.59 -5.66
CA LYS D 6 -4.57 -19.62 -7.10
C LYS D 6 -5.93 -19.06 -7.48
N VAL D 7 -5.92 -18.13 -8.42
CA VAL D 7 -7.12 -17.53 -8.99
C VAL D 7 -7.08 -17.77 -10.49
N VAL D 8 -8.13 -18.40 -11.03
CA VAL D 8 -8.29 -18.60 -12.46
C VAL D 8 -9.30 -17.58 -12.96
N LEU D 9 -8.98 -16.91 -14.05
CA LEU D 9 -9.85 -15.91 -14.66
C LEU D 9 -10.30 -16.41 -16.03
N ILE D 10 -11.61 -16.50 -16.22
CA ILE D 10 -12.20 -17.00 -17.46
C ILE D 10 -12.93 -15.82 -18.10
N GLY D 11 -12.37 -15.33 -19.21
CA GLY D 11 -12.86 -14.12 -19.85
C GLY D 11 -11.84 -13.02 -19.79
N ALA D 12 -11.04 -12.88 -20.85
CA ALA D 12 -9.95 -11.92 -20.86
C ALA D 12 -10.28 -10.71 -21.73
N GLY D 13 -11.46 -10.15 -21.53
CA GLY D 13 -11.87 -8.93 -22.20
C GLY D 13 -11.52 -7.70 -21.38
N GLY D 14 -12.33 -6.65 -21.56
CA GLY D 14 -12.10 -5.43 -20.80
C GLY D 14 -12.19 -5.64 -19.31
N VAL D 15 -13.27 -6.29 -18.87
CA VAL D 15 -13.53 -6.43 -17.43
C VAL D 15 -12.49 -7.33 -16.79
N GLY D 16 -12.27 -8.52 -17.37
CA GLY D 16 -11.29 -9.43 -16.80
C GLY D 16 -9.89 -8.86 -16.81
N SER D 17 -9.50 -8.22 -17.90
CA SER D 17 -8.16 -7.62 -17.98
C SER D 17 -7.99 -6.51 -16.96
N SER D 18 -9.02 -5.66 -16.81
CA SER D 18 -8.96 -4.60 -15.81
C SER D 18 -8.82 -5.17 -14.40
N PHE D 19 -9.60 -6.20 -14.09
CA PHE D 19 -9.51 -6.84 -12.78
C PHE D 19 -8.10 -7.38 -12.56
N ALA D 20 -7.55 -8.06 -13.57
CA ALA D 20 -6.21 -8.65 -13.41
C ALA D 20 -5.16 -7.57 -13.20
N TYR D 21 -5.23 -6.49 -13.98
CA TYR D 21 -4.34 -5.35 -13.80
C TYR D 21 -4.40 -4.84 -12.36
N ALA D 22 -5.59 -4.42 -11.93
CA ALA D 22 -5.75 -3.89 -10.58
C ALA D 22 -5.23 -4.86 -9.53
N LEU D 23 -5.44 -6.17 -9.75
CA LEU D 23 -5.00 -7.16 -8.78
C LEU D 23 -3.48 -7.23 -8.72
N THR D 24 -2.81 -7.19 -9.87
CA THR D 24 -1.35 -7.19 -9.87
C THR D 24 -0.82 -5.95 -9.15
N ILE D 25 -1.52 -4.82 -9.28
CA ILE D 25 -1.08 -3.61 -8.60
C ILE D 25 -1.32 -3.71 -7.10
N ASP D 26 -2.52 -4.12 -6.70
CA ASP D 26 -2.92 -4.19 -5.29
C ASP D 26 -3.31 -5.63 -4.98
N ASN D 27 -2.38 -6.39 -4.41
CA ASN D 27 -2.51 -7.83 -4.23
C ASN D 27 -2.53 -8.19 -2.76
N SER D 28 -3.56 -8.92 -2.34
CA SER D 28 -3.62 -9.47 -0.98
C SER D 28 -3.34 -10.97 -1.02
N LEU D 29 -2.13 -11.30 -1.49
CA LEU D 29 -1.64 -12.67 -1.54
C LEU D 29 -2.45 -13.49 -2.55
N VAL D 30 -2.28 -13.19 -3.82
CA VAL D 30 -2.69 -14.05 -4.92
C VAL D 30 -1.39 -14.49 -5.59
N HIS D 31 -0.91 -15.68 -5.21
CA HIS D 31 0.38 -16.14 -5.70
C HIS D 31 0.36 -16.38 -7.22
N GLU D 32 -0.74 -16.92 -7.73
CA GLU D 32 -0.83 -17.30 -9.13
C GLU D 32 -2.13 -16.77 -9.72
N LEU D 33 -2.03 -16.09 -10.86
CA LEU D 33 -3.20 -15.63 -11.61
C LEU D 33 -3.19 -16.31 -12.98
N VAL D 34 -4.21 -17.10 -13.26
CA VAL D 34 -4.32 -17.86 -14.49
C VAL D 34 -5.44 -17.27 -15.33
N ILE D 35 -5.19 -17.08 -16.62
CA ILE D 35 -6.10 -16.39 -17.52
C ILE D 35 -6.50 -17.36 -18.64
N ILE D 36 -7.80 -17.49 -18.87
CA ILE D 36 -8.36 -18.38 -19.87
C ILE D 36 -9.34 -17.58 -20.72
N ASP D 37 -9.23 -17.71 -22.04
CA ASP D 37 -10.18 -17.10 -22.96
C ASP D 37 -10.35 -18.00 -24.18
N VAL D 38 -11.57 -18.05 -24.72
CA VAL D 38 -11.81 -18.83 -25.92
C VAL D 38 -10.97 -18.28 -27.08
N ASN D 39 -10.68 -16.98 -27.07
CA ASN D 39 -9.71 -16.37 -27.97
C ASN D 39 -8.36 -16.44 -27.27
N GLU D 40 -7.58 -17.48 -27.58
CA GLU D 40 -6.35 -17.73 -26.83
C GLU D 40 -5.29 -16.67 -27.10
N ASN D 41 -5.28 -16.08 -28.30
CA ASN D 41 -4.31 -15.04 -28.61
C ASN D 41 -4.49 -13.84 -27.67
N LYS D 42 -5.74 -13.45 -27.42
CA LYS D 42 -5.99 -12.34 -26.51
C LYS D 42 -5.48 -12.65 -25.10
N ALA D 43 -5.75 -13.86 -24.61
CA ALA D 43 -5.28 -14.24 -23.28
C ALA D 43 -3.77 -14.21 -23.21
N LYS D 44 -3.09 -14.72 -24.24
CA LYS D 44 -1.63 -14.73 -24.22
C LYS D 44 -1.06 -13.31 -24.28
N GLY D 45 -1.65 -12.45 -25.11
CA GLY D 45 -1.21 -11.06 -25.14
C GLY D 45 -1.39 -10.38 -23.80
N GLU D 46 -2.52 -10.63 -23.13
CA GLU D 46 -2.75 -10.03 -21.82
C GLU D 46 -1.75 -10.55 -20.79
N VAL D 47 -1.47 -11.86 -20.82
CA VAL D 47 -0.48 -12.42 -19.90
C VAL D 47 0.87 -11.73 -20.10
N MET D 48 1.29 -11.58 -21.37
CA MET D 48 2.56 -10.95 -21.65
C MET D 48 2.58 -9.50 -21.14
N ASP D 49 1.52 -8.74 -21.44
CA ASP D 49 1.50 -7.34 -21.07
C ASP D 49 1.49 -7.17 -19.55
N LEU D 50 0.80 -8.06 -18.83
CA LEU D 50 0.77 -7.97 -17.38
C LEU D 50 2.12 -8.37 -16.79
N ASN D 51 2.80 -9.35 -17.39
CA ASN D 51 4.10 -9.76 -16.87
C ASN D 51 5.17 -8.71 -17.14
N HIS D 52 5.06 -7.99 -18.24
CA HIS D 52 6.10 -7.03 -18.61
C HIS D 52 6.22 -5.87 -17.62
N GLY D 53 5.25 -5.69 -16.73
CA GLY D 53 5.32 -4.66 -15.72
C GLY D 53 5.64 -5.13 -14.32
N GLN D 54 6.11 -6.36 -14.16
CA GLN D 54 6.40 -6.88 -12.83
C GLN D 54 7.36 -5.99 -12.06
N MET D 55 8.30 -5.35 -12.76
CA MET D 55 9.32 -4.55 -12.10
C MET D 55 8.73 -3.37 -11.35
N PHE D 56 7.55 -2.90 -11.76
CA PHE D 56 6.90 -1.77 -11.12
C PHE D 56 5.95 -2.17 -10.00
N LEU D 57 5.72 -3.46 -9.81
CA LEU D 57 4.77 -3.92 -8.80
C LEU D 57 5.40 -3.93 -7.42
N LYS D 58 4.56 -3.76 -6.40
CA LYS D 58 5.03 -3.91 -5.03
C LYS D 58 5.46 -5.34 -4.76
N LYS D 59 4.68 -6.31 -5.23
CA LYS D 59 5.01 -7.72 -5.13
C LYS D 59 5.06 -8.34 -6.52
N ASN D 60 5.89 -9.36 -6.66
CA ASN D 60 5.88 -10.18 -7.87
C ASN D 60 4.69 -11.14 -7.82
N ILE D 61 4.24 -11.55 -9.00
CA ILE D 61 3.05 -12.40 -9.12
C ILE D 61 3.19 -13.25 -10.38
N ASN D 62 2.89 -14.54 -10.26
CA ASN D 62 2.93 -15.46 -11.38
C ASN D 62 1.65 -15.31 -12.20
N VAL D 63 1.75 -14.67 -13.37
CA VAL D 63 0.63 -14.52 -14.28
C VAL D 63 0.82 -15.54 -15.40
N LEU D 64 -0.12 -16.47 -15.51
CA LEU D 64 0.04 -17.63 -16.39
C LEU D 64 -1.09 -17.72 -17.41
N PHE D 65 -0.73 -18.10 -18.63
CA PHE D 65 -1.70 -18.59 -19.58
C PHE D 65 -2.15 -19.99 -19.16
N GLY D 66 -3.45 -20.26 -19.28
CA GLY D 66 -4.01 -21.44 -18.65
C GLY D 66 -4.99 -22.17 -19.54
N THR D 67 -5.21 -23.44 -19.18
CA THR D 67 -6.28 -24.28 -19.67
C THR D 67 -7.14 -24.69 -18.49
N TYR D 68 -8.24 -25.38 -18.77
CA TYR D 68 -9.12 -25.81 -17.68
C TYR D 68 -8.42 -26.82 -16.76
N LYS D 69 -7.36 -27.48 -17.26
CA LYS D 69 -6.49 -28.27 -16.38
C LYS D 69 -6.16 -27.50 -15.12
N ASP D 70 -5.95 -26.18 -15.25
CA ASP D 70 -5.48 -25.36 -14.15
C ASP D 70 -6.53 -25.12 -13.09
N CYS D 71 -7.81 -25.42 -13.36
CA CYS D 71 -8.85 -25.21 -12.37
C CYS D 71 -8.90 -26.32 -11.32
N ALA D 72 -8.17 -27.41 -11.52
CA ALA D 72 -8.23 -28.53 -10.58
C ALA D 72 -7.92 -28.09 -9.16
N ASN D 73 -6.77 -27.41 -8.97
CA ASN D 73 -6.33 -26.98 -7.66
C ASN D 73 -6.56 -25.50 -7.41
N ALA D 74 -7.32 -24.84 -8.27
CA ALA D 74 -7.57 -23.41 -8.09
C ALA D 74 -8.38 -23.16 -6.83
N ASP D 75 -8.15 -22.00 -6.22
CA ASP D 75 -8.88 -21.59 -5.03
C ASP D 75 -10.04 -20.66 -5.34
N ILE D 76 -9.92 -19.80 -6.34
CA ILE D 76 -11.05 -18.99 -6.80
C ILE D 76 -11.11 -19.03 -8.32
N VAL D 77 -12.33 -19.03 -8.86
CA VAL D 77 -12.58 -18.95 -10.29
C VAL D 77 -13.47 -17.75 -10.55
N VAL D 78 -12.95 -16.78 -11.30
CA VAL D 78 -13.63 -15.54 -11.62
C VAL D 78 -14.09 -15.61 -13.06
N ILE D 79 -15.40 -15.55 -13.29
CA ILE D 79 -15.97 -15.64 -14.62
C ILE D 79 -16.40 -14.26 -15.07
N THR D 80 -15.82 -13.79 -16.20
CA THR D 80 -16.24 -12.56 -16.83
C THR D 80 -16.57 -12.78 -18.31
N ALA D 81 -16.78 -14.02 -18.71
CA ALA D 81 -17.00 -14.34 -20.12
C ALA D 81 -18.44 -14.09 -20.52
N GLY D 82 -18.63 -13.66 -21.76
CA GLY D 82 -19.95 -13.40 -22.27
C GLY D 82 -19.89 -12.45 -23.45
N LEU D 83 -21.08 -12.17 -23.99
CA LEU D 83 -21.23 -11.26 -25.12
C LEU D 83 -21.76 -9.94 -24.57
N ASN D 84 -20.87 -8.98 -24.37
CA ASN D 84 -21.23 -7.66 -23.83
C ASN D 84 -22.11 -6.93 -24.85
N GLN D 85 -23.41 -6.86 -24.55
CA GLN D 85 -24.37 -6.19 -25.43
C GLN D 85 -24.27 -6.70 -26.86
N LYS D 86 -24.86 -7.85 -27.13
CA LYS D 86 -24.78 -8.48 -28.45
C LYS D 86 -25.75 -7.78 -29.40
N PRO D 87 -25.84 -8.23 -30.66
CA PRO D 87 -26.52 -7.41 -31.69
C PRO D 87 -28.00 -7.67 -31.86
N GLY D 88 -28.44 -8.91 -31.68
CA GLY D 88 -29.79 -9.30 -32.09
C GLY D 88 -30.92 -8.62 -31.35
N GLU D 89 -30.61 -7.84 -30.30
CA GLU D 89 -31.61 -7.18 -29.46
C GLU D 89 -32.30 -8.20 -28.55
N THR D 90 -32.88 -7.73 -27.44
CA THR D 90 -33.59 -8.56 -26.44
C THR D 90 -32.61 -9.06 -25.37
N ARG D 91 -32.82 -8.71 -24.10
CA ARG D 91 -31.97 -9.17 -22.97
C ARG D 91 -32.33 -10.60 -22.62
N LEU D 92 -33.47 -11.12 -23.08
CA LEU D 92 -33.81 -12.55 -22.88
C LEU D 92 -32.92 -13.36 -23.81
N ASP D 93 -32.69 -12.88 -25.04
CA ASP D 93 -31.73 -13.51 -25.94
C ASP D 93 -30.32 -13.41 -25.38
N LEU D 94 -30.00 -12.31 -24.70
CA LEU D 94 -28.71 -12.21 -24.01
C LEU D 94 -28.56 -13.30 -22.96
N VAL D 95 -29.59 -13.49 -22.14
CA VAL D 95 -29.54 -14.53 -21.12
C VAL D 95 -29.33 -15.89 -21.77
N ASP D 96 -30.04 -16.14 -22.87
CA ASP D 96 -29.89 -17.42 -23.55
C ASP D 96 -28.46 -17.63 -24.04
N LYS D 97 -27.92 -16.65 -24.76
CA LYS D 97 -26.54 -16.74 -25.25
C LYS D 97 -25.57 -17.03 -24.11
N ASN D 98 -25.63 -16.21 -23.06
CA ASN D 98 -24.61 -16.30 -22.01
C ASN D 98 -24.77 -17.54 -21.16
N SER D 99 -26.01 -18.01 -20.94
CA SER D 99 -26.19 -19.26 -20.21
C SER D 99 -25.75 -20.45 -21.06
N LYS D 100 -25.89 -20.36 -22.39
CA LYS D 100 -25.32 -21.38 -23.26
C LYS D 100 -23.80 -21.45 -23.06
N ILE D 101 -23.14 -20.28 -23.07
CA ILE D 101 -21.69 -20.28 -22.83
C ILE D 101 -21.37 -20.84 -21.45
N PHE D 102 -22.15 -20.46 -20.44
CA PHE D 102 -21.87 -20.88 -19.08
C PHE D 102 -22.01 -22.38 -18.90
N LYS D 103 -22.97 -23.00 -19.59
CA LYS D 103 -23.07 -24.45 -19.59
C LYS D 103 -21.71 -25.08 -19.85
N ASP D 104 -21.11 -24.73 -20.98
CA ASP D 104 -19.80 -25.27 -21.37
C ASP D 104 -18.74 -24.93 -20.32
N ILE D 105 -18.64 -23.66 -19.94
CA ILE D 105 -17.55 -23.25 -19.05
C ILE D 105 -17.65 -24.01 -17.73
N ILE D 106 -18.84 -24.06 -17.15
CA ILE D 106 -19.03 -24.71 -15.85
C ILE D 106 -18.75 -26.20 -15.95
N THR D 107 -19.20 -26.84 -17.03
CA THR D 107 -18.91 -28.26 -17.20
C THR D 107 -17.41 -28.50 -17.20
N ASN D 108 -16.67 -27.69 -17.95
CA ASN D 108 -15.22 -27.87 -18.00
C ASN D 108 -14.58 -27.62 -16.64
N VAL D 109 -15.03 -26.58 -15.93
CA VAL D 109 -14.43 -26.25 -14.64
C VAL D 109 -14.67 -27.37 -13.63
N VAL D 110 -15.89 -27.90 -13.60
CA VAL D 110 -16.21 -28.91 -12.58
C VAL D 110 -15.58 -30.24 -12.93
N SER D 111 -15.51 -30.58 -14.23
CA SER D 111 -14.82 -31.80 -14.63
C SER D 111 -13.33 -31.74 -14.32
N SER D 112 -12.80 -30.55 -14.06
CA SER D 112 -11.37 -30.41 -13.72
C SER D 112 -11.07 -30.88 -12.31
N GLY D 113 -12.06 -30.92 -11.43
CA GLY D 113 -11.86 -31.21 -10.02
C GLY D 113 -11.93 -30.00 -9.12
N PHE D 114 -12.19 -28.82 -9.69
CA PHE D 114 -12.27 -27.60 -8.89
C PHE D 114 -13.29 -27.75 -7.77
N ASP D 115 -12.93 -27.24 -6.59
CA ASP D 115 -13.82 -27.26 -5.43
C ASP D 115 -13.63 -26.01 -4.59
N GLY D 116 -13.38 -24.88 -5.25
CA GLY D 116 -13.19 -23.60 -4.60
C GLY D 116 -14.43 -22.72 -4.67
N ILE D 117 -14.22 -21.44 -4.92
CA ILE D 117 -15.28 -20.44 -4.88
C ILE D 117 -15.45 -19.83 -6.26
N PHE D 118 -16.69 -19.76 -6.73
CA PHE D 118 -17.03 -19.04 -7.95
C PHE D 118 -17.31 -17.57 -7.63
N VAL D 119 -16.78 -16.68 -8.47
CA VAL D 119 -17.12 -15.26 -8.43
C VAL D 119 -17.56 -14.87 -9.84
N VAL D 120 -18.82 -14.47 -9.97
CA VAL D 120 -19.46 -14.28 -11.28
C VAL D 120 -19.65 -12.79 -11.53
N ALA D 121 -19.29 -12.35 -12.73
CA ALA D 121 -19.51 -10.97 -13.15
C ALA D 121 -20.28 -10.85 -14.46
N SER D 122 -20.36 -11.90 -15.27
CA SER D 122 -21.03 -11.80 -16.56
C SER D 122 -22.50 -11.45 -16.38
N ASN D 123 -23.05 -10.62 -17.35
CA ASN D 123 -24.40 -10.07 -17.24
C ASN D 123 -25.42 -11.00 -17.89
N PRO D 124 -26.66 -11.00 -17.38
CA PRO D 124 -27.15 -10.34 -16.16
C PRO D 124 -26.61 -11.04 -14.92
N VAL D 125 -25.88 -10.30 -14.07
CA VAL D 125 -25.04 -10.93 -13.07
C VAL D 125 -25.86 -11.82 -12.13
N ASP D 126 -27.06 -11.37 -11.75
CA ASP D 126 -27.86 -12.15 -10.82
C ASP D 126 -28.29 -13.48 -11.45
N ILE D 127 -28.84 -13.42 -12.66
CA ILE D 127 -29.28 -14.63 -13.34
C ILE D 127 -28.09 -15.55 -13.61
N MET D 128 -26.95 -14.98 -13.99
CA MET D 128 -25.78 -15.81 -14.28
C MET D 128 -25.23 -16.45 -13.01
N THR D 129 -25.33 -15.77 -11.87
CA THR D 129 -25.00 -16.40 -10.59
C THR D 129 -25.90 -17.59 -10.33
N TYR D 130 -27.21 -17.40 -10.53
CA TYR D 130 -28.17 -18.51 -10.40
C TYR D 130 -27.78 -19.68 -11.31
N VAL D 131 -27.45 -19.37 -12.57
CA VAL D 131 -27.11 -20.41 -13.53
C VAL D 131 -25.85 -21.14 -13.12
N THR D 132 -24.83 -20.41 -12.68
CA THR D 132 -23.61 -21.04 -12.20
C THR D 132 -23.92 -21.99 -11.05
N MET D 133 -24.71 -21.52 -10.10
CA MET D 133 -25.06 -22.36 -8.95
C MET D 133 -25.72 -23.65 -9.39
N LYS D 134 -26.67 -23.57 -10.34
CA LYS D 134 -27.40 -24.78 -10.71
C LYS D 134 -26.58 -25.70 -11.61
N TYR D 135 -25.86 -25.15 -12.59
CA TYR D 135 -25.05 -25.99 -13.46
C TYR D 135 -23.89 -26.64 -12.70
N SER D 136 -23.43 -26.03 -11.61
CA SER D 136 -22.27 -26.53 -10.90
C SER D 136 -22.62 -27.48 -9.75
N LYS D 137 -23.80 -27.33 -9.16
CA LYS D 137 -24.23 -28.09 -7.99
C LYS D 137 -23.45 -27.73 -6.73
N PHE D 138 -22.66 -26.66 -6.77
CA PHE D 138 -21.91 -26.24 -5.60
C PHE D 138 -22.86 -25.74 -4.52
N PRO D 139 -22.39 -25.67 -3.27
CA PRO D 139 -23.20 -25.01 -2.22
C PRO D 139 -23.44 -23.56 -2.56
N ILE D 140 -24.55 -23.02 -2.05
CA ILE D 140 -24.92 -21.65 -2.39
C ILE D 140 -23.88 -20.65 -1.90
N HIS D 141 -23.18 -20.98 -0.82
CA HIS D 141 -22.21 -20.05 -0.22
C HIS D 141 -20.83 -20.14 -0.86
N LYS D 142 -20.64 -21.01 -1.85
CA LYS D 142 -19.43 -21.03 -2.65
C LYS D 142 -19.63 -20.36 -4.01
N VAL D 143 -20.77 -19.73 -4.24
CA VAL D 143 -21.08 -19.07 -5.50
C VAL D 143 -21.45 -17.63 -5.19
N ILE D 144 -20.65 -16.70 -5.69
CA ILE D 144 -20.82 -15.28 -5.44
C ILE D 144 -20.94 -14.54 -6.76
N GLY D 145 -21.81 -13.52 -6.79
CA GLY D 145 -21.89 -12.62 -7.93
C GLY D 145 -21.68 -11.20 -7.45
N THR D 146 -21.21 -10.35 -8.36
CA THR D 146 -20.90 -8.97 -7.99
C THR D 146 -22.16 -8.20 -7.62
N GLY D 147 -23.30 -8.58 -8.17
CA GLY D 147 -24.56 -8.00 -7.74
C GLY D 147 -24.60 -6.50 -7.92
N THR D 148 -24.93 -5.79 -6.85
CA THR D 148 -25.09 -4.34 -6.86
C THR D 148 -23.86 -3.61 -6.34
N ILE D 149 -22.70 -4.28 -6.31
CA ILE D 149 -21.49 -3.63 -5.80
C ILE D 149 -21.08 -2.47 -6.70
N LEU D 150 -21.19 -2.65 -8.02
CA LEU D 150 -20.86 -1.57 -8.93
C LEU D 150 -21.88 -0.44 -8.83
N ASP D 151 -23.16 -0.79 -8.75
CA ASP D 151 -24.19 0.23 -8.58
C ASP D 151 -24.02 0.98 -7.26
N THR D 152 -23.65 0.26 -6.19
CA THR D 152 -23.39 0.92 -4.93
C THR D 152 -22.19 1.86 -5.02
N SER D 153 -21.15 1.43 -5.74
CA SER D 153 -19.98 2.30 -5.94
C SER D 153 -20.38 3.59 -6.64
N ARG D 154 -21.15 3.47 -7.73
CA ARG D 154 -21.61 4.66 -8.43
C ARG D 154 -22.46 5.54 -7.52
N LEU D 155 -23.38 4.94 -6.78
CA LEU D 155 -24.21 5.69 -5.84
C LEU D 155 -23.35 6.50 -4.88
N ARG D 156 -22.34 5.85 -4.30
CA ARG D 156 -21.52 6.52 -3.30
C ARG D 156 -20.64 7.60 -3.94
N TYR D 157 -20.21 7.41 -5.18
CA TYR D 157 -19.50 8.49 -5.84
C TYR D 157 -20.41 9.71 -6.04
N PHE D 158 -21.64 9.47 -6.50
CA PHE D 158 -22.58 10.58 -6.67
C PHE D 158 -22.81 11.31 -5.36
N LEU D 159 -22.99 10.56 -4.27
CA LEU D 159 -23.24 11.21 -2.98
C LEU D 159 -21.99 11.93 -2.47
N SER D 160 -20.81 11.37 -2.71
CA SER D 160 -19.57 12.03 -2.30
C SER D 160 -19.42 13.36 -3.02
N ASP D 161 -19.67 13.38 -4.34
CA ASP D 161 -19.56 14.64 -5.07
C ASP D 161 -20.66 15.62 -4.67
N HIS D 162 -21.86 15.12 -4.34
CA HIS D 162 -22.92 15.99 -3.87
C HIS D 162 -22.50 16.70 -2.59
N PHE D 163 -22.10 15.93 -1.57
CA PHE D 163 -21.77 16.49 -0.26
C PHE D 163 -20.31 16.87 -0.12
N ASN D 164 -19.48 16.63 -1.15
CA ASN D 164 -18.04 16.83 -1.05
C ASN D 164 -17.49 16.17 0.21
N VAL D 165 -17.68 14.85 0.28
CA VAL D 165 -17.28 14.05 1.44
C VAL D 165 -16.68 12.75 0.92
N ASN D 166 -15.62 12.29 1.57
CA ASN D 166 -14.98 11.05 1.19
C ASN D 166 -15.99 9.92 1.10
N THR D 167 -15.90 9.13 0.03
CA THR D 167 -16.75 7.95 -0.10
C THR D 167 -16.68 7.07 1.14
N GLN D 168 -15.60 7.17 1.91
CA GLN D 168 -15.44 6.36 3.12
C GLN D 168 -16.59 6.58 4.10
N ASN D 169 -17.20 7.77 4.11
CA ASN D 169 -18.23 8.12 5.07
C ASN D 169 -19.64 7.98 4.50
N ILE D 170 -19.78 7.47 3.28
CA ILE D 170 -21.06 7.37 2.60
C ILE D 170 -21.59 5.96 2.80
N HIS D 171 -22.58 5.81 3.67
CA HIS D 171 -23.13 4.51 4.04
C HIS D 171 -24.52 4.38 3.41
N SER D 172 -24.54 3.97 2.15
CA SER D 172 -25.77 3.75 1.40
C SER D 172 -25.55 2.58 0.47
N TYR D 173 -26.64 1.90 0.11
CA TYR D 173 -26.57 0.70 -0.71
C TYR D 173 -27.59 0.77 -1.83
N ILE D 174 -27.22 0.18 -2.97
CA ILE D 174 -28.16 -0.16 -4.03
C ILE D 174 -28.47 -1.66 -3.89
N MET D 175 -29.75 -2.01 -3.92
CA MET D 175 -30.18 -3.39 -3.72
C MET D 175 -31.10 -3.79 -4.86
N GLY D 176 -31.40 -5.08 -4.92
CA GLY D 176 -32.22 -5.63 -5.98
C GLY D 176 -31.39 -6.08 -7.17
N GLU D 177 -32.08 -6.17 -8.30
CA GLU D 177 -31.41 -6.56 -9.54
C GLU D 177 -30.35 -5.54 -9.90
N HIS D 178 -29.24 -6.02 -10.45
CA HIS D 178 -28.22 -5.16 -11.04
C HIS D 178 -28.73 -4.77 -12.43
N GLY D 179 -29.54 -3.71 -12.47
CA GLY D 179 -30.16 -3.29 -13.70
C GLY D 179 -31.19 -2.19 -13.49
N ASP D 180 -32.30 -2.26 -14.22
CA ASP D 180 -33.27 -1.17 -14.22
C ASP D 180 -34.21 -1.22 -13.02
N SER D 181 -34.41 -2.38 -12.40
CA SER D 181 -35.31 -2.52 -11.27
C SER D 181 -34.59 -2.39 -9.93
N SER D 182 -33.42 -1.76 -9.89
CA SER D 182 -32.70 -1.57 -8.65
C SER D 182 -33.31 -0.41 -7.86
N PHE D 183 -33.01 -0.38 -6.56
CA PHE D 183 -33.47 0.69 -5.69
C PHE D 183 -32.38 1.03 -4.69
N ALA D 184 -32.40 2.29 -4.23
CA ALA D 184 -31.47 2.78 -3.22
C ALA D 184 -32.14 2.76 -1.85
N THR D 185 -31.34 2.44 -0.83
CA THR D 185 -31.83 2.40 0.55
C THR D 185 -31.83 3.80 1.17
N TRP D 186 -32.62 4.69 0.55
CA TRP D 186 -32.64 6.08 0.98
C TRP D 186 -33.00 6.19 2.46
N ASP D 187 -34.05 5.49 2.88
CA ASP D 187 -34.57 5.67 4.24
C ASP D 187 -33.56 5.24 5.31
N GLU D 188 -32.58 4.41 4.95
CA GLU D 188 -31.58 3.93 5.89
C GLU D 188 -30.19 4.52 5.63
N THR D 189 -30.09 5.48 4.71
CA THR D 189 -28.81 6.07 4.36
C THR D 189 -28.36 7.05 5.42
N LYS D 190 -27.05 7.04 5.72
CA LYS D 190 -26.44 8.01 6.60
C LYS D 190 -25.16 8.55 5.96
N ILE D 191 -24.84 9.79 6.31
CA ILE D 191 -23.53 10.37 6.01
C ILE D 191 -22.78 10.38 7.34
N ALA D 192 -21.83 9.46 7.49
CA ALA D 192 -21.18 9.19 8.78
C ALA D 192 -22.30 8.78 9.73
N MET D 193 -22.57 9.52 10.81
CA MET D 193 -23.67 9.23 11.71
C MET D 193 -24.92 10.03 11.41
N LYS D 194 -24.86 10.98 10.49
CA LYS D 194 -25.97 11.89 10.24
C LYS D 194 -26.97 11.24 9.29
N PRO D 195 -28.22 11.01 9.71
CA PRO D 195 -29.20 10.45 8.78
C PRO D 195 -29.46 11.36 7.59
N LEU D 196 -29.78 10.75 6.45
CA LEU D 196 -30.11 11.52 5.26
C LEU D 196 -31.35 12.38 5.48
N SER D 197 -32.25 11.94 6.36
CA SER D 197 -33.47 12.71 6.64
C SER D 197 -33.12 14.08 7.20
N GLU D 198 -32.09 14.17 8.03
CA GLU D 198 -31.66 15.47 8.54
C GLU D 198 -31.16 16.36 7.41
N TYR D 199 -30.40 15.79 6.47
CA TYR D 199 -29.93 16.57 5.33
C TYR D 199 -31.09 17.07 4.50
N LEU D 200 -32.15 16.25 4.36
CA LEU D 200 -33.34 16.69 3.65
C LEU D 200 -34.03 17.83 4.40
N ALA D 201 -34.14 17.71 5.72
CA ALA D 201 -34.81 18.73 6.51
C ALA D 201 -34.01 20.04 6.51
N GLU D 202 -32.69 19.97 6.39
CA GLU D 202 -31.85 21.16 6.38
C GLU D 202 -31.68 21.76 5.00
N GLY D 203 -32.13 21.09 3.95
CA GLY D 203 -32.13 21.66 2.63
C GLY D 203 -30.85 21.52 1.84
N LYS D 204 -29.94 20.62 2.24
CA LYS D 204 -28.78 20.36 1.40
C LYS D 204 -29.16 19.48 0.21
N ILE D 205 -30.16 18.62 0.37
CA ILE D 205 -30.58 17.69 -0.67
C ILE D 205 -32.10 17.60 -0.64
N THR D 206 -32.67 17.25 -1.79
CA THR D 206 -34.12 17.15 -1.95
C THR D 206 -34.47 15.78 -2.52
N GLU D 207 -35.72 15.37 -2.31
CA GLU D 207 -36.19 14.11 -2.87
C GLU D 207 -36.05 14.09 -4.39
N LEU D 208 -36.23 15.24 -5.03
CA LEU D 208 -36.03 15.34 -6.47
C LEU D 208 -34.61 14.91 -6.84
N GLU D 209 -33.62 15.44 -6.15
CA GLU D 209 -32.23 15.08 -6.45
C GLU D 209 -31.96 13.62 -6.10
N LEU D 210 -32.69 13.04 -5.14
CA LEU D 210 -32.53 11.61 -4.87
C LEU D 210 -33.04 10.79 -6.06
N ASP D 211 -34.22 11.13 -6.57
CA ASP D 211 -34.72 10.48 -7.78
C ASP D 211 -33.71 10.62 -8.92
N GLU D 212 -33.13 11.81 -9.07
CA GLU D 212 -32.18 12.03 -10.16
C GLU D 212 -30.91 11.21 -9.96
N ILE D 213 -30.44 11.10 -8.72
CA ILE D 213 -29.25 10.30 -8.46
C ILE D 213 -29.51 8.84 -8.78
N HIS D 214 -30.70 8.35 -8.44
CA HIS D 214 -31.01 6.96 -8.76
C HIS D 214 -31.08 6.75 -10.27
N LYS D 215 -31.77 7.65 -10.98
CA LYS D 215 -31.81 7.57 -12.43
C LYS D 215 -30.42 7.62 -13.03
N LYS D 216 -29.52 8.39 -12.41
CA LYS D 216 -28.13 8.45 -12.87
C LYS D 216 -27.43 7.11 -12.66
N VAL D 217 -27.61 6.52 -11.48
CA VAL D 217 -27.04 5.20 -11.22
C VAL D 217 -27.52 4.20 -12.27
N VAL D 218 -28.79 4.31 -12.66
CA VAL D 218 -29.35 3.32 -13.59
C VAL D 218 -28.90 3.61 -15.02
N ASN D 219 -28.66 4.87 -15.38
CA ASN D 219 -28.28 5.24 -16.73
C ASN D 219 -26.77 5.31 -16.94
N ALA D 220 -25.98 5.10 -15.89
CA ALA D 220 -24.54 5.24 -15.99
C ALA D 220 -23.96 4.26 -17.01
N ALA D 221 -24.40 3.00 -16.98
CA ALA D 221 -23.86 2.01 -17.91
C ALA D 221 -24.07 2.46 -19.35
N TYR D 222 -25.28 2.93 -19.67
CA TYR D 222 -25.57 3.35 -21.03
C TYR D 222 -24.76 4.58 -21.42
N GLU D 223 -24.65 5.55 -20.50
CA GLU D 223 -23.83 6.72 -20.78
C GLU D 223 -22.40 6.32 -21.13
N VAL D 224 -21.80 5.47 -20.30
CA VAL D 224 -20.40 5.12 -20.49
C VAL D 224 -20.22 4.28 -21.75
N ILE D 225 -21.17 3.39 -22.04
CA ILE D 225 -21.08 2.59 -23.26
C ILE D 225 -21.14 3.51 -24.48
N LYS D 226 -22.05 4.48 -24.46
CA LYS D 226 -22.12 5.43 -25.57
C LYS D 226 -20.82 6.21 -25.71
N LEU D 227 -20.21 6.58 -24.58
CA LEU D 227 -19.05 7.47 -24.65
C LEU D 227 -17.76 6.75 -25.04
N LYS D 228 -17.55 5.52 -24.54
CA LYS D 228 -16.27 4.86 -24.73
C LYS D 228 -16.37 3.39 -25.11
N GLY D 229 -17.56 2.87 -25.39
CA GLY D 229 -17.68 1.52 -25.89
C GLY D 229 -18.05 0.46 -24.86
N ALA D 230 -17.41 0.50 -23.70
CA ALA D 230 -17.65 -0.50 -22.66
C ALA D 230 -17.30 0.11 -21.30
N THR D 231 -17.51 -0.68 -20.25
CA THR D 231 -17.23 -0.29 -18.87
C THR D 231 -16.47 -1.42 -18.20
N TYR D 232 -15.32 -1.10 -17.59
CA TYR D 232 -14.52 -2.16 -16.99
C TYR D 232 -13.73 -1.75 -15.76
N TYR D 233 -13.36 -0.49 -15.63
CA TYR D 233 -12.44 -0.10 -14.55
C TYR D 233 -13.10 -0.27 -13.18
N ALA D 234 -14.27 0.34 -12.98
CA ALA D 234 -14.93 0.26 -11.67
C ALA D 234 -15.27 -1.17 -11.31
N ILE D 235 -15.80 -1.94 -12.27
CA ILE D 235 -16.14 -3.32 -11.99
C ILE D 235 -14.88 -4.15 -11.75
N GLY D 236 -13.79 -3.83 -12.45
CA GLY D 236 -12.53 -4.49 -12.15
C GLY D 236 -12.11 -4.27 -10.71
N LEU D 237 -12.23 -3.03 -10.23
CA LEU D 237 -11.89 -2.75 -8.83
C LEU D 237 -12.83 -3.50 -7.88
N GLY D 238 -14.11 -3.57 -8.21
CA GLY D 238 -15.05 -4.30 -7.35
C GLY D 238 -14.71 -5.77 -7.25
N ILE D 239 -14.43 -6.40 -8.40
CA ILE D 239 -14.02 -7.80 -8.41
C ILE D 239 -12.75 -7.98 -7.58
N LYS D 240 -11.78 -7.10 -7.77
CA LYS D 240 -10.53 -7.20 -7.02
C LYS D 240 -10.78 -7.12 -5.52
N ASN D 241 -11.68 -6.23 -5.10
CA ASN D 241 -11.95 -6.07 -3.68
C ASN D 241 -12.66 -7.31 -3.12
N ILE D 242 -13.59 -7.88 -3.88
CA ILE D 242 -14.22 -9.13 -3.45
C ILE D 242 -13.15 -10.20 -3.24
N VAL D 243 -12.24 -10.33 -4.20
CA VAL D 243 -11.22 -11.38 -4.12
C VAL D 243 -10.33 -11.17 -2.90
N ASN D 244 -9.86 -9.93 -2.72
CA ASN D 244 -8.98 -9.64 -1.59
C ASN D 244 -9.70 -9.89 -0.26
N ALA D 245 -11.00 -9.59 -0.21
CA ALA D 245 -11.77 -9.84 1.00
C ALA D 245 -11.88 -11.33 1.29
N ILE D 246 -12.08 -12.14 0.24
CA ILE D 246 -12.14 -13.59 0.42
C ILE D 246 -10.81 -14.10 0.94
N ILE D 247 -9.73 -13.87 0.18
CA ILE D 247 -8.42 -14.39 0.58
C ILE D 247 -7.94 -13.73 1.86
N GLY D 248 -8.43 -12.54 2.18
CA GLY D 248 -8.09 -11.90 3.43
C GLY D 248 -8.89 -12.36 4.62
N ASP D 249 -9.93 -13.16 4.41
CA ASP D 249 -10.80 -13.62 5.48
C ASP D 249 -11.23 -12.45 6.36
N GLN D 250 -11.69 -11.38 5.70
CA GLN D 250 -11.91 -10.10 6.34
C GLN D 250 -13.29 -9.97 6.99
N ASN D 251 -14.16 -10.96 6.81
CA ASN D 251 -15.52 -10.91 7.36
C ASN D 251 -16.15 -9.54 7.12
N VAL D 252 -16.23 -9.16 5.85
CA VAL D 252 -16.67 -7.81 5.47
C VAL D 252 -18.02 -7.92 4.76
N ILE D 253 -18.87 -6.93 4.99
CA ILE D 253 -20.23 -6.92 4.44
C ILE D 253 -20.21 -6.18 3.11
N LEU D 254 -20.74 -6.80 2.07
CA LEU D 254 -20.68 -6.27 0.72
C LEU D 254 -22.01 -6.47 0.01
N PRO D 255 -22.38 -5.56 -0.92
CA PRO D 255 -23.61 -5.76 -1.69
C PRO D 255 -23.39 -6.68 -2.88
N ILE D 256 -23.53 -7.98 -2.66
CA ILE D 256 -23.23 -8.97 -3.66
C ILE D 256 -24.52 -9.67 -4.07
N SER D 257 -24.46 -10.40 -5.18
CA SER D 257 -25.55 -11.30 -5.57
C SER D 257 -25.66 -12.37 -4.49
N SER D 258 -26.66 -12.24 -3.62
CA SER D 258 -26.81 -13.10 -2.46
C SER D 258 -28.07 -13.94 -2.64
N TYR D 259 -28.01 -15.19 -2.18
CA TYR D 259 -29.15 -16.09 -2.21
C TYR D 259 -30.03 -15.82 -0.98
N ILE D 260 -31.25 -15.35 -1.21
CA ILE D 260 -32.15 -15.01 -0.10
C ILE D 260 -33.19 -16.11 0.10
N ASN D 261 -33.51 -16.41 1.35
CA ASN D 261 -34.52 -17.43 1.68
C ASN D 261 -35.37 -17.03 2.91
N GLY D 262 -36.11 -15.93 2.77
CA GLY D 262 -37.00 -15.43 3.80
C GLY D 262 -36.62 -14.05 4.32
N GLN D 263 -35.34 -13.69 4.22
CA GLN D 263 -34.90 -12.39 4.70
C GLN D 263 -35.73 -11.28 4.05
N TYR D 264 -35.89 -10.19 4.77
CA TYR D 264 -36.61 -9.01 4.30
C TYR D 264 -38.11 -9.25 4.27
N GLY D 265 -38.66 -9.67 3.12
CA GLY D 265 -40.11 -9.74 3.00
C GLY D 265 -40.76 -11.00 3.52
N GLY D 266 -39.98 -12.06 3.75
CA GLY D 266 -40.60 -13.36 3.95
C GLY D 266 -41.46 -13.75 2.77
N LEU D 267 -41.10 -13.26 1.59
CA LEU D 267 -41.86 -13.44 0.36
C LEU D 267 -40.88 -13.81 -0.75
N ILE D 268 -39.79 -13.03 -0.84
CA ILE D 268 -38.74 -13.31 -1.80
C ILE D 268 -37.94 -14.50 -1.31
N LYS D 269 -37.89 -15.56 -2.12
CA LYS D 269 -37.19 -16.77 -1.71
C LYS D 269 -36.61 -17.46 -2.93
N ASP D 270 -35.43 -18.04 -2.75
CA ASP D 270 -34.84 -18.98 -3.69
C ASP D 270 -34.35 -18.30 -4.98
N ILE D 271 -33.73 -17.12 -4.83
CA ILE D 271 -33.02 -16.49 -5.93
C ILE D 271 -31.83 -15.70 -5.41
N TYR D 272 -30.94 -15.36 -6.35
CA TYR D 272 -29.81 -14.48 -6.13
C TYR D 272 -30.22 -13.06 -6.53
N ILE D 273 -30.05 -12.12 -5.62
CA ILE D 273 -30.36 -10.72 -5.88
C ILE D 273 -29.38 -9.86 -5.11
N GLY D 274 -29.23 -8.61 -5.54
CA GLY D 274 -28.29 -7.71 -4.89
C GLY D 274 -28.67 -7.47 -3.46
N ALA D 275 -27.83 -7.88 -2.52
CA ALA D 275 -28.13 -7.67 -1.10
C ALA D 275 -26.82 -7.72 -0.32
N PRO D 276 -26.81 -7.18 0.90
CA PRO D 276 -25.59 -7.23 1.71
C PRO D 276 -25.38 -8.58 2.37
N ALA D 277 -24.14 -9.07 2.30
CA ALA D 277 -23.79 -10.32 2.95
C ALA D 277 -22.35 -10.26 3.44
N ILE D 278 -22.05 -11.09 4.43
CA ILE D 278 -20.71 -11.20 4.97
C ILE D 278 -19.88 -12.10 4.06
N VAL D 279 -18.68 -11.65 3.73
CA VAL D 279 -17.74 -12.39 2.89
C VAL D 279 -16.50 -12.68 3.72
N CYS D 280 -15.94 -13.87 3.52
CA CYS D 280 -14.85 -14.40 4.31
C CYS D 280 -14.10 -15.44 3.50
N LYS D 281 -13.28 -16.25 4.18
CA LYS D 281 -12.42 -17.20 3.51
C LYS D 281 -13.19 -18.35 2.85
N GLU D 282 -14.39 -18.64 3.31
CA GLU D 282 -15.17 -19.76 2.78
C GLU D 282 -16.25 -19.33 1.80
N GLY D 283 -16.37 -18.03 1.51
CA GLY D 283 -17.40 -17.54 0.62
C GLY D 283 -18.39 -16.64 1.34
N VAL D 284 -19.66 -16.98 1.26
CA VAL D 284 -20.71 -16.22 1.95
C VAL D 284 -20.91 -16.83 3.33
N LYS D 285 -20.79 -16.00 4.36
CA LYS D 285 -20.94 -16.43 5.75
C LYS D 285 -22.33 -16.18 6.30
N GLU D 286 -23.05 -15.21 5.74
CA GLU D 286 -24.30 -14.74 6.32
C GLU D 286 -24.96 -13.75 5.37
N VAL D 287 -26.24 -13.95 5.07
CA VAL D 287 -27.02 -12.96 4.32
C VAL D 287 -27.73 -12.10 5.36
N LEU D 288 -27.33 -10.84 5.45
CA LEU D 288 -27.82 -9.98 6.53
C LEU D 288 -29.31 -9.72 6.39
N ASN D 289 -29.99 -9.67 7.53
CA ASN D 289 -31.43 -9.40 7.60
C ASN D 289 -31.64 -8.10 8.36
N PHE D 290 -32.22 -7.11 7.68
CA PHE D 290 -32.57 -5.84 8.31
C PHE D 290 -33.83 -5.32 7.63
N LYS D 291 -34.55 -4.45 8.34
CA LYS D 291 -35.80 -3.93 7.83
C LYS D 291 -35.56 -2.77 6.88
N ILE D 292 -36.30 -2.75 5.78
CA ILE D 292 -36.34 -1.62 4.86
C ILE D 292 -37.74 -1.04 4.88
N SER D 293 -37.84 0.25 4.61
CA SER D 293 -39.13 0.93 4.63
C SER D 293 -40.09 0.26 3.66
N PRO D 294 -41.40 0.37 3.91
CA PRO D 294 -42.37 -0.28 3.01
C PRO D 294 -42.16 0.05 1.54
N LYS D 295 -41.89 1.30 1.19
CA LYS D 295 -41.58 1.64 -0.19
C LYS D 295 -40.48 0.75 -0.74
N GLU D 296 -39.38 0.65 0.01
CA GLU D 296 -38.23 -0.11 -0.48
C GLU D 296 -38.50 -1.61 -0.45
N LEU D 297 -39.34 -2.09 0.46
CA LEU D 297 -39.70 -3.51 0.42
C LEU D 297 -40.55 -3.83 -0.81
N ASP D 298 -41.47 -2.94 -1.17
CA ASP D 298 -42.24 -3.13 -2.40
C ASP D 298 -41.33 -3.12 -3.61
N LYS D 299 -40.37 -2.18 -3.64
CA LYS D 299 -39.41 -2.14 -4.74
C LYS D 299 -38.60 -3.44 -4.81
N PHE D 300 -38.14 -3.92 -3.65
CA PHE D 300 -37.38 -5.17 -3.59
C PHE D 300 -38.21 -6.33 -4.12
N ASN D 301 -39.47 -6.43 -3.70
CA ASN D 301 -40.33 -7.51 -4.15
C ASN D 301 -40.54 -7.44 -5.66
N SER D 302 -40.80 -6.26 -6.19
CA SER D 302 -40.99 -6.11 -7.63
C SER D 302 -39.74 -6.51 -8.39
N SER D 303 -38.56 -6.14 -7.88
CA SER D 303 -37.31 -6.52 -8.53
C SER D 303 -37.13 -8.03 -8.55
N ALA D 304 -37.34 -8.67 -7.40
CA ALA D 304 -37.21 -10.12 -7.35
C ALA D 304 -38.21 -10.81 -8.26
N ASN D 305 -39.41 -10.25 -8.39
CA ASN D 305 -40.41 -10.87 -9.26
C ASN D 305 -40.01 -10.70 -10.73
N GLN D 306 -39.43 -9.55 -11.09
CA GLN D 306 -38.88 -9.40 -12.43
C GLN D 306 -37.82 -10.46 -12.70
N LEU D 307 -36.96 -10.73 -11.71
CA LEU D 307 -35.92 -11.74 -11.89
C LEU D 307 -36.55 -13.12 -12.08
N LYS D 308 -37.52 -13.48 -11.24
CA LYS D 308 -38.23 -14.73 -11.42
C LYS D 308 -38.82 -14.84 -12.82
N SER D 309 -39.41 -13.74 -13.30
CA SER D 309 -40.02 -13.74 -14.62
C SER D 309 -38.99 -14.04 -15.70
N TYR D 310 -37.82 -13.40 -15.62
CA TYR D 310 -36.82 -13.64 -16.66
C TYR D 310 -36.26 -15.06 -16.57
N ILE D 311 -36.15 -15.60 -15.35
CA ILE D 311 -35.69 -16.99 -15.20
C ILE D 311 -36.69 -17.94 -15.85
N ASP D 312 -37.97 -17.76 -15.55
CA ASP D 312 -39.01 -18.65 -16.10
C ASP D 312 -38.82 -18.86 -17.60
N LYS D 313 -38.68 -17.78 -18.35
CA LYS D 313 -38.38 -17.88 -19.78
C LYS D 313 -37.01 -18.51 -19.98
N MET D 314 -36.98 -19.84 -20.12
CA MET D 314 -35.76 -20.65 -20.18
C MET D 314 -35.34 -21.05 -18.76
#